data_1W0I
#
_entry.id   1W0I
#
_cell.length_a   72.218
_cell.length_b   93.246
_cell.length_c   74.007
_cell.angle_alpha   90.00
_cell.angle_beta   106.43
_cell.angle_gamma   90.00
#
_symmetry.space_group_name_H-M   'P 1 21 1'
#
loop_
_entity.id
_entity.type
_entity.pdbx_description
1 polymer '3-OXOACYL CARRIER PROTEIN SYNTHASE'
2 non-polymer 'POTASSIUM ION'
3 non-polymer 'SULFATE ION'
4 water water
#
_entity_poly.entity_id   1
_entity_poly.type   'polypeptide(L)'
_entity_poly.pdbx_seq_one_letter_code
;RRVVVTGLGMVTPLGRGVETTWRRLIDGECGIRGLTLDDLKMKSFDEETKLYTFDQLSSKVAAFVPYGSNPGEFDEALWL
NSKAVANFIGYAVCAADEALRDAEWLPTEEEEKERTGVSIGGGIGSICDIVEAAQLICEKRLRRLSPFFIPKILVNMASG
HVSMKYGFQGPNHAAVTACATGAHSIGDATRMIQFGDADVMVAGGTESSIDALSVAGFSRSRALSTKFNSSPQEASRPFD
CDRDGFVIGEGSGVIVLEEYEHAKRRGAKIYAELCGYGMSGDAHHITQPPEDGKGAVLAMTRALRQSGLCPNQIDYVNAH
ATSTPIGDAVEARAIKTVFSEHATSGTLAFSSTKGATGHLLGAAGAVEAIFSILAIHHGVAPMTLNVKNPDPIFDKRFMP
LTTSKKMLVRTAMSNSFGFGGTNASLLFASI
;
_entity_poly.pdbx_strand_id   A,B
#
# COMPACT_ATOMS: atom_id res chain seq x y z
N ARG A 1 15.51 -16.14 12.11
CA ARG A 1 16.49 -15.02 12.14
C ARG A 1 15.90 -13.85 12.92
N ARG A 2 16.73 -13.19 13.73
CA ARG A 2 16.28 -12.06 14.54
C ARG A 2 16.55 -10.75 13.82
N VAL A 3 15.69 -9.76 14.07
CA VAL A 3 15.80 -8.47 13.43
C VAL A 3 16.01 -7.35 14.44
N VAL A 4 17.04 -6.55 14.22
CA VAL A 4 17.36 -5.44 15.11
C VAL A 4 17.32 -4.13 14.34
N VAL A 5 17.33 -3.01 15.07
CA VAL A 5 17.29 -1.69 14.49
C VAL A 5 18.68 -1.07 14.66
N THR A 6 19.29 -0.65 13.56
CA THR A 6 20.63 -0.07 13.62
C THR A 6 20.67 1.35 13.08
N GLY A 7 19.52 1.92 12.74
CA GLY A 7 19.50 3.27 12.23
C GLY A 7 18.15 3.95 12.38
N LEU A 8 18.18 5.23 12.73
CA LEU A 8 16.96 6.00 12.92
C LEU A 8 16.97 7.31 12.14
N GLY A 9 15.84 7.65 11.53
CA GLY A 9 15.74 8.89 10.78
C GLY A 9 14.31 9.40 10.78
N MET A 10 14.12 10.72 10.86
CA MET A 10 12.77 11.27 10.87
C MET A 10 12.70 12.79 10.65
N VAL A 11 11.54 13.24 10.16
CA VAL A 11 11.26 14.65 9.94
C VAL A 11 9.82 14.80 10.44
N THR A 12 9.65 15.63 11.47
CA THR A 12 8.35 15.82 12.10
C THR A 12 8.02 17.28 12.42
N PRO A 13 6.79 17.53 12.91
CA PRO A 13 6.39 18.90 13.25
C PRO A 13 7.22 19.46 14.41
N LEU A 14 8.02 18.61 15.04
CA LEU A 14 8.89 19.04 16.14
C LEU A 14 10.30 19.30 15.64
N GLY A 15 10.51 19.10 14.34
CA GLY A 15 11.82 19.34 13.75
C GLY A 15 12.34 18.25 12.82
N ARG A 16 13.30 18.63 11.98
CA ARG A 16 13.91 17.67 11.08
C ARG A 16 15.07 17.04 11.85
N GLY A 17 15.08 15.71 11.93
CA GLY A 17 16.13 15.02 12.65
C GLY A 17 15.64 14.39 13.94
N VAL A 18 16.15 13.18 14.24
CA VAL A 18 15.77 12.43 15.44
C VAL A 18 16.18 13.15 16.74
N GLU A 19 17.42 13.61 16.81
CA GLU A 19 17.91 14.29 18.00
C GLU A 19 17.00 15.46 18.37
N THR A 20 16.83 16.39 17.44
CA THR A 20 15.98 17.55 17.69
C THR A 20 14.53 17.16 18.00
N THR A 21 13.96 16.22 17.25
CA THR A 21 12.59 15.78 17.48
C THR A 21 12.42 15.18 18.89
N TRP A 22 13.32 14.27 19.26
CA TRP A 22 13.25 13.62 20.56
C TRP A 22 13.47 14.55 21.75
N ARG A 23 14.41 15.47 21.60
CA ARG A 23 14.69 16.42 22.68
C ARG A 23 13.47 17.27 22.95
N ARG A 24 12.89 17.83 21.89
CA ARG A 24 11.71 18.68 22.05
C ARG A 24 10.50 17.90 22.56
N LEU A 25 10.36 16.66 22.12
CA LEU A 25 9.25 15.82 22.56
C LEU A 25 9.29 15.65 24.08
N ILE A 26 10.44 15.17 24.55
CA ILE A 26 10.66 14.93 25.97
C ILE A 26 10.48 16.20 26.81
N ASP A 27 10.96 17.33 26.29
CA ASP A 27 10.86 18.58 27.00
C ASP A 27 9.45 19.18 26.99
N GLY A 28 8.50 18.45 26.40
CA GLY A 28 7.11 18.90 26.39
C GLY A 28 6.66 19.91 25.37
N GLU A 29 7.39 20.04 24.26
CA GLU A 29 7.01 20.99 23.22
C GLU A 29 5.86 20.45 22.36
N CYS A 30 5.18 21.36 21.66
CA CYS A 30 4.05 21.01 20.79
C CYS A 30 4.25 21.63 19.40
N GLY A 31 4.06 20.84 18.35
CA GLY A 31 4.24 21.35 17.00
C GLY A 31 2.98 21.78 16.26
N ILE A 32 1.88 21.91 16.97
CA ILE A 32 0.60 22.32 16.39
C ILE A 32 0.42 23.83 16.31
N ARG A 33 -0.12 24.33 15.20
CA ARG A 33 -0.39 25.76 15.07
C ARG A 33 -1.65 26.02 14.25
N GLY A 34 -2.04 27.28 14.17
CA GLY A 34 -3.23 27.65 13.43
C GLY A 34 -3.00 27.67 11.93
N LEU A 35 -4.00 27.24 11.18
CA LEU A 35 -3.90 27.23 9.72
C LEU A 35 -3.93 28.62 9.12
N THR A 36 -3.27 28.78 7.98
CA THR A 36 -3.27 30.05 7.25
C THR A 36 -3.64 29.71 5.81
N LEU A 37 -3.79 30.73 4.97
CA LEU A 37 -4.14 30.51 3.57
C LEU A 37 -3.05 29.75 2.82
N ASP A 38 -1.80 30.00 3.17
CA ASP A 38 -0.67 29.32 2.51
C ASP A 38 -0.76 27.81 2.74
N ASP A 39 -1.21 27.41 3.91
CA ASP A 39 -1.31 25.99 4.25
C ASP A 39 -2.31 25.21 3.39
N LEU A 40 -3.15 25.92 2.64
CA LEU A 40 -4.14 25.25 1.79
C LEU A 40 -3.45 24.54 0.62
N LYS A 41 -2.25 25.01 0.28
CA LYS A 41 -1.47 24.47 -0.83
C LYS A 41 -2.21 24.74 -2.13
N MET A 42 -2.89 25.88 -2.19
CA MET A 42 -3.67 26.27 -3.35
C MET A 42 -3.07 27.43 -4.14
N LYS A 43 -1.75 27.39 -4.34
CA LYS A 43 -1.07 28.46 -5.09
C LYS A 43 -1.61 28.69 -6.50
N SER A 44 -2.19 27.67 -7.11
CA SER A 44 -2.73 27.80 -8.47
C SER A 44 -4.12 28.42 -8.52
N PHE A 45 -4.67 28.75 -7.37
CA PHE A 45 -6.01 29.35 -7.30
C PHE A 45 -5.95 30.83 -6.92
N ASP A 46 -6.98 31.58 -7.29
CA ASP A 46 -7.03 33.01 -6.96
C ASP A 46 -7.32 33.21 -5.47
N GLU A 47 -7.02 34.40 -4.96
CA GLU A 47 -7.24 34.70 -3.55
C GLU A 47 -8.68 34.54 -3.08
N GLU A 48 -9.63 34.92 -3.93
CA GLU A 48 -11.04 34.81 -3.57
C GLU A 48 -11.38 33.36 -3.25
N THR A 49 -10.85 32.44 -4.06
CA THR A 49 -11.10 31.03 -3.87
C THR A 49 -10.39 30.52 -2.62
N LYS A 50 -9.18 31.02 -2.37
CA LYS A 50 -8.44 30.61 -1.18
C LYS A 50 -9.23 31.01 0.07
N LEU A 51 -9.65 32.27 0.13
CA LEU A 51 -10.41 32.79 1.26
C LEU A 51 -11.68 31.97 1.51
N TYR A 52 -12.43 31.70 0.44
CA TYR A 52 -13.65 30.92 0.53
C TYR A 52 -13.37 29.53 1.08
N THR A 53 -12.40 28.86 0.46
CA THR A 53 -12.04 27.50 0.87
C THR A 53 -11.62 27.44 2.34
N PHE A 54 -10.77 28.37 2.76
CA PHE A 54 -10.32 28.41 4.14
C PHE A 54 -11.50 28.42 5.11
N ASP A 55 -12.48 29.28 4.82
CA ASP A 55 -13.65 29.40 5.67
C ASP A 55 -14.50 28.14 5.73
N GLN A 56 -14.36 27.26 4.74
CA GLN A 56 -15.15 26.04 4.73
C GLN A 56 -14.50 24.93 5.56
N LEU A 57 -13.30 25.21 6.08
CA LEU A 57 -12.58 24.23 6.89
C LEU A 57 -12.98 24.30 8.36
N SER A 58 -13.60 23.23 8.85
CA SER A 58 -14.03 23.16 10.24
C SER A 58 -12.83 23.07 11.18
N SER A 59 -11.83 22.31 10.77
CA SER A 59 -10.62 22.18 11.57
C SER A 59 -9.63 23.19 10.99
N LYS A 60 -9.10 24.07 11.85
CA LYS A 60 -8.15 25.08 11.41
C LYS A 60 -6.84 25.00 12.19
N VAL A 61 -6.43 23.79 12.51
CA VAL A 61 -5.20 23.55 13.23
C VAL A 61 -4.51 22.36 12.58
N ALA A 62 -3.19 22.31 12.71
CA ALA A 62 -2.40 21.21 12.14
C ALA A 62 -0.97 21.26 12.68
N ALA A 63 -0.21 20.19 12.46
CA ALA A 63 1.17 20.12 12.91
C ALA A 63 2.06 20.08 11.67
N PHE A 64 2.80 21.17 11.43
CA PHE A 64 3.65 21.27 10.25
C PHE A 64 5.14 20.99 10.44
N VAL A 65 5.78 20.50 9.38
CA VAL A 65 7.21 20.24 9.42
C VAL A 65 7.83 21.62 9.18
N PRO A 66 8.85 21.98 9.97
CA PRO A 66 9.51 23.28 9.80
C PRO A 66 10.47 23.30 8.61
N TYR A 67 10.19 24.14 7.62
CA TYR A 67 11.06 24.23 6.45
C TYR A 67 12.17 25.26 6.65
N GLY A 68 13.30 25.07 5.97
CA GLY A 68 14.39 26.01 6.10
C GLY A 68 15.76 25.37 5.94
N SER A 69 16.77 26.22 5.76
CA SER A 69 18.15 25.77 5.58
C SER A 69 18.93 25.78 6.88
N ASN A 70 18.24 26.09 7.98
CA ASN A 70 18.87 26.13 9.28
C ASN A 70 18.84 24.75 9.93
N PRO A 71 19.61 24.55 11.00
CA PRO A 71 19.62 23.24 11.67
C PRO A 71 18.25 22.91 12.25
N GLY A 72 17.88 21.64 12.20
CA GLY A 72 16.59 21.24 12.73
C GLY A 72 15.46 21.55 11.76
N GLU A 73 15.78 22.03 10.55
CA GLU A 73 14.74 22.36 9.56
C GLU A 73 14.86 21.52 8.28
N PHE A 74 13.72 21.30 7.63
CA PHE A 74 13.63 20.52 6.40
C PHE A 74 13.93 21.44 5.21
N ASP A 75 15.02 21.18 4.50
CA ASP A 75 15.43 22.02 3.36
C ASP A 75 14.85 21.53 2.04
N GLU A 76 13.80 22.17 1.58
CA GLU A 76 13.16 21.77 0.32
C GLU A 76 14.10 21.87 -0.89
N ALA A 77 15.08 22.76 -0.83
CA ALA A 77 16.03 22.92 -1.94
C ALA A 77 16.89 21.67 -2.05
N LEU A 78 16.99 20.94 -0.95
CA LEU A 78 17.79 19.74 -0.91
C LEU A 78 17.00 18.46 -1.20
N TRP A 79 15.81 18.35 -0.64
CA TRP A 79 15.02 17.13 -0.80
C TRP A 79 13.85 17.19 -1.77
N LEU A 80 13.48 18.40 -2.20
CA LEU A 80 12.37 18.58 -3.12
C LEU A 80 12.87 19.32 -4.35
N ASN A 81 13.96 18.81 -4.92
CA ASN A 81 14.55 19.44 -6.09
C ASN A 81 14.24 18.75 -7.41
N SER A 82 13.20 17.92 -7.42
CA SER A 82 12.82 17.20 -8.63
C SER A 82 11.32 17.33 -8.89
N LYS A 83 10.93 17.34 -10.16
CA LYS A 83 9.52 17.47 -10.53
C LYS A 83 8.72 16.21 -10.20
N ALA A 84 9.41 15.08 -10.12
CA ALA A 84 8.75 13.81 -9.83
C ALA A 84 8.69 13.53 -8.34
N VAL A 85 9.28 14.40 -7.53
CA VAL A 85 9.30 14.21 -6.10
C VAL A 85 8.26 15.03 -5.33
N ALA A 86 7.20 14.38 -4.89
CA ALA A 86 6.15 15.07 -4.12
C ALA A 86 6.67 15.21 -2.70
N ASN A 87 6.02 16.04 -1.89
CA ASN A 87 6.45 16.25 -0.52
C ASN A 87 6.59 14.97 0.30
N PHE A 88 5.62 14.06 0.19
CA PHE A 88 5.72 12.83 0.97
C PHE A 88 6.95 12.04 0.56
N ILE A 89 7.34 12.15 -0.70
CA ILE A 89 8.53 11.44 -1.15
C ILE A 89 9.79 12.10 -0.58
N GLY A 90 9.85 13.42 -0.63
CA GLY A 90 10.99 14.14 -0.09
C GLY A 90 11.20 13.89 1.39
N TYR A 91 10.10 13.84 2.15
CA TYR A 91 10.20 13.58 3.59
C TYR A 91 10.83 12.21 3.81
N ALA A 92 10.37 11.23 3.03
CA ALA A 92 10.87 9.87 3.13
C ALA A 92 12.36 9.76 2.82
N VAL A 93 12.80 10.44 1.76
CA VAL A 93 14.20 10.38 1.37
C VAL A 93 15.05 11.08 2.43
N CYS A 94 14.57 12.22 2.93
CA CYS A 94 15.29 12.95 3.95
C CYS A 94 15.49 12.05 5.18
N ALA A 95 14.41 11.43 5.66
CA ALA A 95 14.49 10.56 6.83
C ALA A 95 15.36 9.32 6.57
N ALA A 96 15.22 8.73 5.39
CA ALA A 96 16.01 7.55 5.06
C ALA A 96 17.50 7.85 5.04
N ASP A 97 17.86 9.03 4.55
CA ASP A 97 19.27 9.43 4.48
C ASP A 97 19.85 9.52 5.90
N GLU A 98 19.09 10.10 6.83
CA GLU A 98 19.56 10.21 8.20
C GLU A 98 19.70 8.82 8.80
N ALA A 99 18.70 7.97 8.59
CA ALA A 99 18.72 6.61 9.16
C ALA A 99 19.90 5.79 8.62
N LEU A 100 20.10 5.82 7.31
CA LEU A 100 21.18 5.08 6.66
C LEU A 100 22.54 5.56 7.15
N ARG A 101 22.70 6.87 7.30
CA ARG A 101 23.98 7.39 7.79
C ARG A 101 24.14 7.02 9.26
N ASP A 102 23.03 6.98 9.99
CA ASP A 102 23.08 6.60 11.40
C ASP A 102 23.55 5.15 11.52
N ALA A 103 23.05 4.31 10.61
CA ALA A 103 23.43 2.89 10.62
C ALA A 103 24.71 2.67 9.83
N GLU A 104 25.24 3.74 9.23
CA GLU A 104 26.45 3.64 8.44
C GLU A 104 26.27 2.54 7.40
N TRP A 105 25.17 2.63 6.65
CA TRP A 105 24.88 1.66 5.61
C TRP A 105 24.61 2.33 4.27
N LEU A 106 25.69 2.63 3.56
CA LEU A 106 25.63 3.24 2.23
C LEU A 106 26.59 2.41 1.37
N PRO A 107 26.27 1.12 1.18
CA PRO A 107 27.10 0.20 0.39
C PRO A 107 27.35 0.57 -1.06
N THR A 108 28.55 0.22 -1.52
CA THR A 108 28.97 0.46 -2.89
C THR A 108 29.00 -0.87 -3.65
N GLU A 109 29.17 -1.95 -2.91
CA GLU A 109 29.22 -3.29 -3.50
C GLU A 109 27.83 -3.78 -3.91
N GLU A 110 27.75 -4.40 -5.09
CA GLU A 110 26.49 -4.91 -5.59
C GLU A 110 25.83 -5.95 -4.68
N GLU A 111 26.62 -6.87 -4.14
CA GLU A 111 26.06 -7.90 -3.26
C GLU A 111 25.34 -7.32 -2.04
N GLU A 112 25.93 -6.29 -1.43
CA GLU A 112 25.34 -5.64 -0.28
C GLU A 112 24.10 -4.87 -0.69
N LYS A 113 24.18 -4.24 -1.86
CA LYS A 113 23.05 -3.48 -2.38
C LYS A 113 21.89 -4.41 -2.71
N GLU A 114 22.21 -5.58 -3.27
CA GLU A 114 21.21 -6.59 -3.64
C GLU A 114 20.52 -7.20 -2.43
N ARG A 115 21.17 -7.13 -1.27
CA ARG A 115 20.60 -7.67 -0.04
C ARG A 115 19.95 -6.61 0.82
N THR A 116 19.79 -5.41 0.26
CA THR A 116 19.16 -4.31 0.97
C THR A 116 17.87 -3.91 0.27
N GLY A 117 16.77 -3.89 1.02
CA GLY A 117 15.49 -3.55 0.45
C GLY A 117 14.89 -2.29 1.05
N VAL A 118 13.73 -1.90 0.53
CA VAL A 118 13.06 -0.70 0.99
C VAL A 118 11.56 -0.92 1.17
N SER A 119 11.01 -0.46 2.29
CA SER A 119 9.59 -0.58 2.54
C SER A 119 9.12 0.66 3.30
N ILE A 120 8.79 1.69 2.54
CA ILE A 120 8.32 2.95 3.09
C ILE A 120 7.02 3.28 2.37
N GLY A 121 5.90 3.14 3.06
CA GLY A 121 4.63 3.43 2.42
C GLY A 121 4.07 4.79 2.74
N GLY A 122 3.16 5.25 1.89
CA GLY A 122 2.50 6.52 2.10
C GLY A 122 1.03 6.21 2.26
N GLY A 123 0.34 6.97 3.11
CA GLY A 123 -1.07 6.72 3.32
C GLY A 123 -2.02 7.25 2.26
N ILE A 124 -1.82 8.49 1.85
CA ILE A 124 -2.68 9.14 0.85
C ILE A 124 -1.92 9.61 -0.39
N GLY A 125 -0.67 10.00 -0.21
CA GLY A 125 0.12 10.45 -1.33
C GLY A 125 0.15 11.96 -1.47
N SER A 126 -0.35 12.47 -2.59
CA SER A 126 -0.34 13.93 -2.79
C SER A 126 -1.64 14.44 -3.39
N ILE A 127 -2.62 14.67 -2.53
CA ILE A 127 -3.91 15.17 -2.95
C ILE A 127 -3.76 16.55 -3.61
N CYS A 128 -2.78 17.32 -3.16
CA CYS A 128 -2.54 18.66 -3.69
C CYS A 128 -2.29 18.67 -5.18
N ASP A 129 -1.43 17.75 -5.61
CA ASP A 129 -1.10 17.63 -7.01
C ASP A 129 -2.32 17.18 -7.80
N ILE A 130 -3.15 16.33 -7.19
CA ILE A 130 -4.34 15.85 -7.89
C ILE A 130 -5.33 17.00 -8.06
N VAL A 131 -5.46 17.83 -7.03
CA VAL A 131 -6.35 19.00 -7.09
C VAL A 131 -5.86 19.98 -8.16
N GLU A 132 -4.55 20.20 -8.24
CA GLU A 132 -4.01 21.11 -9.25
C GLU A 132 -4.33 20.60 -10.66
N ALA A 133 -4.15 19.30 -10.86
CA ALA A 133 -4.43 18.68 -12.16
C ALA A 133 -5.92 18.74 -12.47
N ALA A 134 -6.75 18.48 -11.45
CA ALA A 134 -8.19 18.51 -11.63
C ALA A 134 -8.64 19.91 -12.06
N GLN A 135 -7.97 20.92 -11.51
CA GLN A 135 -8.30 22.30 -11.85
C GLN A 135 -8.04 22.54 -13.34
N LEU A 136 -7.08 21.81 -13.91
CA LEU A 136 -6.77 21.95 -15.32
C LEU A 136 -7.94 21.49 -16.17
N ILE A 137 -8.69 20.50 -15.66
CA ILE A 137 -9.85 20.00 -16.38
C ILE A 137 -11.00 20.99 -16.25
N CYS A 138 -11.23 21.49 -15.04
CA CYS A 138 -12.31 22.45 -14.82
C CYS A 138 -12.16 23.72 -15.64
N GLU A 139 -10.92 24.17 -15.83
CA GLU A 139 -10.65 25.40 -16.57
C GLU A 139 -10.19 25.16 -18.01
N LYS A 140 -10.15 23.90 -18.41
CA LYS A 140 -9.71 23.52 -19.76
C LYS A 140 -8.31 24.03 -20.10
N ARG A 141 -7.34 23.65 -19.27
CA ARG A 141 -5.95 24.04 -19.48
C ARG A 141 -5.08 22.80 -19.28
N LEU A 142 -5.48 21.70 -19.91
CA LEU A 142 -4.76 20.45 -19.78
C LEU A 142 -3.36 20.48 -20.37
N ARG A 143 -3.08 21.45 -21.23
CA ARG A 143 -1.75 21.56 -21.83
C ARG A 143 -0.70 21.67 -20.74
N ARG A 144 -1.12 22.15 -19.58
CA ARG A 144 -0.22 22.31 -18.44
C ARG A 144 0.10 20.99 -17.76
N LEU A 145 -0.74 19.98 -17.96
CA LEU A 145 -0.55 18.67 -17.33
C LEU A 145 0.87 18.15 -17.54
N SER A 146 1.54 17.87 -16.43
CA SER A 146 2.92 17.37 -16.46
C SER A 146 3.08 15.86 -16.61
N PRO A 147 4.13 15.43 -17.33
CA PRO A 147 4.36 14.00 -17.51
C PRO A 147 4.75 13.36 -16.18
N PHE A 148 5.15 14.18 -15.21
CA PHE A 148 5.54 13.66 -13.90
C PHE A 148 4.36 13.53 -12.94
N PHE A 149 3.18 13.92 -13.40
CA PHE A 149 1.98 13.85 -12.55
C PHE A 149 1.73 12.46 -11.97
N ILE A 150 1.62 11.45 -12.83
CA ILE A 150 1.37 10.10 -12.34
C ILE A 150 2.47 9.62 -11.39
N PRO A 151 3.74 9.73 -11.82
CA PRO A 151 4.86 9.30 -10.98
C PRO A 151 4.88 9.90 -9.58
N LYS A 152 4.51 11.17 -9.45
CA LYS A 152 4.55 11.79 -8.14
C LYS A 152 3.34 11.56 -7.25
N ILE A 153 2.27 10.98 -7.78
CA ILE A 153 1.10 10.74 -6.93
C ILE A 153 1.00 9.31 -6.44
N LEU A 154 1.75 8.39 -7.03
CA LEU A 154 1.72 7.00 -6.63
C LEU A 154 2.34 6.81 -5.24
N VAL A 155 1.53 6.33 -4.30
CA VAL A 155 1.97 6.14 -2.92
C VAL A 155 3.13 5.18 -2.68
N ASN A 156 3.52 4.44 -3.71
CA ASN A 156 4.63 3.51 -3.58
C ASN A 156 5.94 4.16 -4.01
N MET A 157 5.84 5.34 -4.63
CA MET A 157 7.04 6.00 -5.11
C MET A 157 8.05 6.46 -4.07
N ALA A 158 7.64 6.58 -2.81
CA ALA A 158 8.59 6.99 -1.78
C ALA A 158 9.65 5.91 -1.67
N SER A 159 9.20 4.67 -1.72
CA SER A 159 10.11 3.53 -1.65
C SER A 159 10.96 3.45 -2.92
N GLY A 160 10.35 3.75 -4.06
CA GLY A 160 11.09 3.72 -5.31
C GLY A 160 12.23 4.73 -5.33
N HIS A 161 11.98 5.96 -4.88
CA HIS A 161 13.04 6.97 -4.88
C HIS A 161 14.18 6.65 -3.94
N VAL A 162 13.88 6.04 -2.79
CA VAL A 162 14.93 5.68 -1.85
C VAL A 162 15.81 4.58 -2.45
N SER A 163 15.21 3.58 -3.08
CA SER A 163 16.01 2.50 -3.66
C SER A 163 16.87 3.03 -4.82
N MET A 164 16.29 3.87 -5.67
CA MET A 164 17.03 4.42 -6.80
C MET A 164 18.23 5.24 -6.34
N LYS A 165 18.04 6.08 -5.32
CA LYS A 165 19.11 6.93 -4.81
C LYS A 165 20.30 6.16 -4.24
N TYR A 166 20.05 5.07 -3.54
CA TYR A 166 21.14 4.30 -2.94
C TYR A 166 21.50 3.00 -3.66
N GLY A 167 20.77 2.69 -4.73
CA GLY A 167 21.06 1.48 -5.49
C GLY A 167 20.60 0.21 -4.80
N PHE A 168 19.60 0.31 -3.92
CA PHE A 168 19.11 -0.86 -3.21
C PHE A 168 18.22 -1.71 -4.11
N GLN A 169 18.65 -2.94 -4.37
CA GLN A 169 17.93 -3.85 -5.25
C GLN A 169 17.26 -5.01 -4.55
N GLY A 170 17.12 -4.88 -3.24
CA GLY A 170 16.43 -5.92 -2.50
C GLY A 170 14.96 -5.62 -2.67
N PRO A 171 14.11 -6.25 -1.87
CA PRO A 171 12.66 -6.03 -1.96
C PRO A 171 12.30 -4.53 -1.96
N ASN A 172 11.56 -4.12 -2.99
CA ASN A 172 11.09 -2.73 -3.16
C ASN A 172 9.60 -2.88 -2.85
N HIS A 173 9.24 -2.59 -1.61
CA HIS A 173 7.89 -2.79 -1.11
C HIS A 173 7.23 -1.58 -0.45
N ALA A 174 5.92 -1.66 -0.28
CA ALA A 174 5.17 -0.61 0.37
C ALA A 174 3.87 -1.19 0.90
N ALA A 175 3.57 -0.89 2.16
CA ALA A 175 2.33 -1.34 2.76
C ALA A 175 1.51 -0.08 2.96
N VAL A 176 0.24 -0.15 2.57
CA VAL A 176 -0.64 0.99 2.74
C VAL A 176 -1.84 0.53 3.55
N THR A 177 -1.94 1.05 4.76
CA THR A 177 -3.01 0.68 5.66
C THR A 177 -3.50 1.88 6.45
N ALA A 178 -3.79 2.96 5.72
CA ALA A 178 -4.27 4.19 6.34
C ALA A 178 -3.36 4.64 7.48
N CYS A 179 -3.93 4.84 8.66
CA CYS A 179 -3.16 5.31 9.82
C CYS A 179 -2.17 4.28 10.39
N ALA A 180 -2.17 3.07 9.84
CA ALA A 180 -1.26 2.03 10.32
C ALA A 180 -0.15 1.79 9.32
N THR A 181 -0.20 2.50 8.21
CA THR A 181 0.79 2.35 7.15
C THR A 181 2.25 2.23 7.63
N GLY A 182 2.68 3.15 8.48
CA GLY A 182 4.04 3.11 8.99
C GLY A 182 4.38 1.85 9.73
N ALA A 183 3.43 1.32 10.50
CA ALA A 183 3.63 0.10 11.27
C ALA A 183 3.77 -1.14 10.38
N HIS A 184 2.80 -1.34 9.50
CA HIS A 184 2.81 -2.49 8.58
C HIS A 184 4.00 -2.45 7.63
N SER A 185 4.46 -1.26 7.26
CA SER A 185 5.60 -1.17 6.35
C SER A 185 6.84 -1.72 7.06
N ILE A 186 7.00 -1.40 8.35
CA ILE A 186 8.13 -1.87 9.14
C ILE A 186 7.95 -3.36 9.46
N GLY A 187 6.71 -3.75 9.78
CA GLY A 187 6.43 -5.14 10.08
C GLY A 187 6.69 -6.04 8.89
N ASP A 188 6.20 -5.66 7.71
CA ASP A 188 6.43 -6.49 6.53
C ASP A 188 7.92 -6.63 6.25
N ALA A 189 8.65 -5.53 6.40
CA ALA A 189 10.09 -5.54 6.17
C ALA A 189 10.76 -6.52 7.12
N THR A 190 10.27 -6.56 8.35
CA THR A 190 10.82 -7.47 9.36
C THR A 190 10.57 -8.92 8.93
N ARG A 191 9.37 -9.19 8.42
CA ARG A 191 9.03 -10.54 7.98
C ARG A 191 9.94 -10.97 6.82
N MET A 192 10.29 -10.01 5.97
CA MET A 192 11.16 -10.26 4.82
C MET A 192 12.57 -10.62 5.26
N ILE A 193 13.10 -9.92 6.25
CA ILE A 193 14.44 -10.21 6.75
C ILE A 193 14.41 -11.56 7.45
N GLN A 194 13.36 -11.81 8.23
CA GLN A 194 13.22 -13.08 8.93
C GLN A 194 13.24 -14.24 7.93
N PHE A 195 12.46 -14.13 6.86
CA PHE A 195 12.35 -15.17 5.84
C PHE A 195 13.62 -15.33 5.02
N GLY A 196 14.41 -14.25 4.94
CA GLY A 196 15.63 -14.31 4.18
C GLY A 196 15.59 -13.55 2.86
N ASP A 197 14.51 -12.82 2.62
CA ASP A 197 14.37 -12.04 1.38
C ASP A 197 15.44 -10.94 1.34
N ALA A 198 15.94 -10.54 2.50
CA ALA A 198 16.94 -9.49 2.58
C ALA A 198 17.66 -9.54 3.93
N ASP A 199 18.80 -8.86 4.03
CA ASP A 199 19.55 -8.81 5.28
C ASP A 199 19.40 -7.44 5.89
N VAL A 200 19.06 -6.47 5.06
CA VAL A 200 18.86 -5.08 5.49
C VAL A 200 17.62 -4.46 4.82
N MET A 201 16.76 -3.81 5.60
CA MET A 201 15.58 -3.15 5.05
C MET A 201 15.46 -1.73 5.62
N VAL A 202 15.16 -0.77 4.75
CA VAL A 202 14.96 0.61 5.17
C VAL A 202 13.43 0.73 5.08
N ALA A 203 12.82 0.84 6.24
CA ALA A 203 11.36 0.87 6.35
C ALA A 203 10.79 1.97 7.23
N GLY A 204 9.54 2.31 6.94
CA GLY A 204 8.87 3.33 7.71
C GLY A 204 7.66 3.87 6.99
N GLY A 205 7.32 5.10 7.33
CA GLY A 205 6.17 5.72 6.70
C GLY A 205 6.37 7.20 6.49
N THR A 206 5.59 7.75 5.57
CA THR A 206 5.69 9.15 5.28
C THR A 206 4.30 9.65 4.90
N GLU A 207 4.04 10.91 5.22
CA GLU A 207 2.76 11.52 4.92
C GLU A 207 2.87 13.03 4.84
N SER A 208 2.22 13.59 3.83
CA SER A 208 2.19 15.03 3.64
C SER A 208 0.82 15.33 3.06
N SER A 209 -0.18 15.34 3.93
CA SER A 209 -1.54 15.57 3.48
C SER A 209 -2.23 16.73 4.20
N ILE A 210 -1.49 17.83 4.36
CA ILE A 210 -2.08 19.02 4.98
C ILE A 210 -2.37 20.01 3.85
N ASP A 211 -3.62 20.03 3.43
CA ASP A 211 -4.08 20.89 2.36
C ASP A 211 -5.60 21.01 2.38
N ALA A 212 -6.11 21.91 1.55
CA ALA A 212 -7.54 22.16 1.47
C ALA A 212 -8.45 20.94 1.50
N LEU A 213 -8.35 20.13 0.45
CA LEU A 213 -9.19 18.94 0.32
C LEU A 213 -8.96 17.89 1.40
N SER A 214 -7.72 17.74 1.86
CA SER A 214 -7.45 16.76 2.90
C SER A 214 -8.13 17.21 4.19
N VAL A 215 -7.95 18.48 4.54
CA VAL A 215 -8.56 19.01 5.75
C VAL A 215 -10.09 18.97 5.64
N ALA A 216 -10.61 19.34 4.48
CA ALA A 216 -12.06 19.32 4.28
C ALA A 216 -12.60 17.89 4.35
N GLY A 217 -11.87 16.96 3.75
CA GLY A 217 -12.29 15.56 3.77
C GLY A 217 -12.39 14.98 5.17
N PHE A 218 -11.30 15.05 5.93
CA PHE A 218 -11.31 14.51 7.27
C PHE A 218 -12.30 15.24 8.18
N SER A 219 -12.50 16.52 7.90
CA SER A 219 -13.46 17.31 8.67
C SER A 219 -14.86 16.77 8.37
N ARG A 220 -15.14 16.51 7.09
CA ARG A 220 -16.43 16.00 6.69
C ARG A 220 -16.71 14.65 7.37
N SER A 221 -15.65 13.92 7.69
CA SER A 221 -15.80 12.63 8.36
C SER A 221 -15.92 12.84 9.86
N ARG A 222 -15.87 14.10 10.29
CA ARG A 222 -15.98 14.42 11.71
C ARG A 222 -14.87 13.75 12.52
N ALA A 223 -13.69 13.63 11.91
CA ALA A 223 -12.56 13.00 12.59
C ALA A 223 -11.56 14.02 13.14
N LEU A 224 -11.72 15.29 12.78
CA LEU A 224 -10.79 16.33 13.23
C LEU A 224 -11.27 17.27 14.34
N SER A 225 -10.31 17.79 15.09
CA SER A 225 -10.61 18.73 16.17
C SER A 225 -11.05 20.07 15.58
N THR A 226 -12.04 20.71 16.20
CA THR A 226 -12.52 22.01 15.71
C THR A 226 -12.80 22.99 16.85
N LYS A 227 -12.89 22.45 18.06
CA LYS A 227 -13.19 23.20 19.28
C LYS A 227 -12.09 24.15 19.76
N PHE A 228 -10.84 23.86 19.39
CA PHE A 228 -9.71 24.67 19.81
C PHE A 228 -8.99 25.45 18.71
N ASN A 229 -9.73 25.88 17.70
CA ASN A 229 -9.12 26.63 16.60
C ASN A 229 -8.44 27.92 17.09
N SER A 230 -8.96 28.48 18.18
CA SER A 230 -8.40 29.70 18.77
C SER A 230 -7.21 29.39 19.69
N SER A 231 -7.09 28.13 20.12
CA SER A 231 -5.99 27.71 20.98
C SER A 231 -5.36 26.42 20.44
N PRO A 232 -4.72 26.50 19.27
CA PRO A 232 -4.09 25.34 18.62
C PRO A 232 -3.24 24.45 19.52
N GLN A 233 -2.41 25.05 20.36
CA GLN A 233 -1.55 24.29 21.25
C GLN A 233 -2.35 23.36 22.16
N GLU A 234 -3.66 23.59 22.25
CA GLU A 234 -4.51 22.77 23.10
C GLU A 234 -5.45 21.87 22.32
N ALA A 235 -5.28 21.81 21.00
CA ALA A 235 -6.15 21.01 20.16
C ALA A 235 -5.99 19.50 20.29
N SER A 236 -4.74 19.05 20.41
CA SER A 236 -4.47 17.63 20.51
C SER A 236 -4.27 17.26 21.98
N ARG A 237 -5.25 16.57 22.54
CA ARG A 237 -5.20 16.19 23.94
C ARG A 237 -5.65 14.76 24.18
N PRO A 238 -4.81 13.79 23.77
CA PRO A 238 -5.13 12.37 23.94
C PRO A 238 -5.53 12.03 25.38
N PHE A 239 -6.58 11.22 25.51
CA PHE A 239 -7.08 10.79 26.81
C PHE A 239 -7.74 11.87 27.68
N ASP A 240 -7.81 13.09 27.20
CA ASP A 240 -8.43 14.19 27.97
C ASP A 240 -9.94 14.27 27.70
N CYS A 241 -10.71 14.60 28.74
CA CYS A 241 -12.17 14.69 28.64
C CYS A 241 -12.69 15.68 27.59
N ASP A 242 -11.87 16.65 27.21
CA ASP A 242 -12.31 17.64 26.23
C ASP A 242 -11.80 17.44 24.80
N ARG A 243 -11.24 16.26 24.53
CA ARG A 243 -10.77 15.95 23.20
C ARG A 243 -11.97 15.95 22.26
N ASP A 244 -11.77 16.37 21.01
CA ASP A 244 -12.86 16.43 20.03
C ASP A 244 -12.40 16.09 18.61
N GLY A 245 -11.42 15.19 18.48
CA GLY A 245 -10.93 14.83 17.16
C GLY A 245 -9.43 15.05 17.08
N PHE A 246 -8.76 14.37 16.15
CA PHE A 246 -7.32 14.51 16.03
C PHE A 246 -6.89 15.71 15.20
N VAL A 247 -5.61 16.05 15.28
CA VAL A 247 -5.05 17.17 14.55
C VAL A 247 -4.12 16.58 13.50
N ILE A 248 -4.39 16.92 12.24
CA ILE A 248 -3.57 16.41 11.15
C ILE A 248 -2.14 16.90 11.23
N GLY A 249 -1.21 15.96 11.08
CA GLY A 249 0.20 16.28 11.12
C GLY A 249 0.83 15.73 9.85
N GLU A 250 2.12 16.03 9.66
CA GLU A 250 2.85 15.57 8.48
C GLU A 250 4.29 15.23 8.87
N GLY A 251 4.97 14.51 7.99
CA GLY A 251 6.35 14.13 8.27
C GLY A 251 6.65 12.72 7.83
N SER A 252 7.76 12.18 8.32
CA SER A 252 8.17 10.83 7.95
C SER A 252 9.04 10.21 9.03
N GLY A 253 9.00 8.89 9.11
CA GLY A 253 9.80 8.16 10.06
C GLY A 253 10.38 6.97 9.34
N VAL A 254 11.70 6.81 9.39
CA VAL A 254 12.36 5.70 8.72
C VAL A 254 13.41 5.07 9.64
N ILE A 255 13.49 3.73 9.64
CA ILE A 255 14.47 3.04 10.46
C ILE A 255 15.18 2.00 9.60
N VAL A 256 16.39 1.63 10.03
CA VAL A 256 17.14 0.63 9.31
C VAL A 256 17.05 -0.67 10.10
N LEU A 257 16.44 -1.67 9.48
CA LEU A 257 16.27 -2.98 10.09
C LEU A 257 17.27 -3.93 9.47
N GLU A 258 17.83 -4.84 10.26
CA GLU A 258 18.75 -5.83 9.70
C GLU A 258 18.87 -7.05 10.59
N GLU A 259 19.23 -8.14 9.94
CA GLU A 259 19.38 -9.41 10.61
C GLU A 259 20.47 -9.25 11.69
N TYR A 260 20.21 -9.83 12.85
CA TYR A 260 21.08 -9.74 14.02
C TYR A 260 22.55 -10.09 13.79
N GLU A 261 22.82 -11.25 13.20
CA GLU A 261 24.19 -11.67 12.96
C GLU A 261 24.89 -10.70 11.99
N HIS A 262 24.15 -10.23 10.99
CA HIS A 262 24.70 -9.31 10.02
C HIS A 262 25.16 -8.02 10.69
N ALA A 263 24.35 -7.49 11.60
CA ALA A 263 24.70 -6.25 12.31
C ALA A 263 25.92 -6.44 13.21
N LYS A 264 25.97 -7.54 13.96
CA LYS A 264 27.10 -7.79 14.84
C LYS A 264 28.41 -7.95 14.07
N ARG A 265 28.36 -8.71 12.98
CA ARG A 265 29.54 -8.94 12.13
C ARG A 265 30.24 -7.63 11.77
N ARG A 266 29.47 -6.63 11.35
CA ARG A 266 30.07 -5.37 10.97
C ARG A 266 30.23 -4.40 12.14
N GLY A 267 29.87 -4.86 13.34
CA GLY A 267 30.01 -4.05 14.53
C GLY A 267 29.12 -2.81 14.59
N ALA A 268 27.89 -2.92 14.11
CA ALA A 268 26.99 -1.78 14.13
C ALA A 268 26.38 -1.64 15.52
N LYS A 269 26.10 -0.42 15.94
CA LYS A 269 25.48 -0.26 17.25
C LYS A 269 24.00 -0.57 17.07
N ILE A 270 23.48 -1.41 17.95
CA ILE A 270 22.10 -1.82 17.89
C ILE A 270 21.22 -1.09 18.90
N TYR A 271 20.14 -0.49 18.41
CA TYR A 271 19.22 0.24 19.29
C TYR A 271 18.33 -0.73 20.06
N ALA A 272 17.78 -1.71 19.34
CA ALA A 272 16.89 -2.68 19.95
C ALA A 272 16.52 -3.75 18.95
N GLU A 273 15.74 -4.72 19.40
CA GLU A 273 15.28 -5.80 18.56
C GLU A 273 13.78 -5.63 18.34
N LEU A 274 13.30 -5.97 17.14
CA LEU A 274 11.88 -5.90 16.85
C LEU A 274 11.45 -7.36 17.03
N CYS A 275 10.72 -7.62 18.11
CA CYS A 275 10.27 -8.97 18.49
C CYS A 275 8.84 -9.33 18.19
N GLY A 276 8.00 -8.33 17.97
CA GLY A 276 6.60 -8.62 17.71
C GLY A 276 5.96 -7.70 16.69
N TYR A 277 5.17 -8.32 15.83
CA TYR A 277 4.46 -7.63 14.77
C TYR A 277 3.05 -8.24 14.75
N GLY A 278 2.20 -7.76 15.65
CA GLY A 278 0.85 -8.28 15.73
C GLY A 278 -0.12 -7.52 14.85
N MET A 279 -0.89 -8.27 14.05
CA MET A 279 -1.86 -7.69 13.15
C MET A 279 -3.26 -8.23 13.40
N SER A 280 -4.26 -7.41 13.10
CA SER A 280 -5.65 -7.82 13.27
C SER A 280 -6.56 -6.86 12.52
N GLY A 281 -7.84 -7.21 12.45
CA GLY A 281 -8.81 -6.37 11.80
C GLY A 281 -10.03 -6.26 12.70
N ASP A 282 -10.64 -5.08 12.78
CA ASP A 282 -11.82 -4.92 13.62
C ASP A 282 -13.02 -5.63 13.01
N ALA A 283 -13.11 -5.60 11.68
CA ALA A 283 -14.24 -6.20 10.97
C ALA A 283 -15.50 -5.64 11.62
N HIS A 284 -15.49 -4.34 11.90
CA HIS A 284 -16.62 -3.69 12.56
C HIS A 284 -17.20 -2.50 11.80
N HIS A 285 -16.41 -1.44 11.64
CA HIS A 285 -16.89 -0.25 10.94
C HIS A 285 -15.75 0.38 10.14
N ILE A 286 -16.11 1.07 9.06
CA ILE A 286 -15.11 1.71 8.20
C ILE A 286 -14.32 2.82 8.87
N THR A 287 -14.88 3.43 9.91
CA THR A 287 -14.17 4.52 10.60
C THR A 287 -14.20 4.44 12.11
N GLN A 288 -15.12 3.64 12.66
CA GLN A 288 -15.25 3.51 14.11
C GLN A 288 -14.85 2.14 14.63
N PRO A 289 -14.04 2.10 15.70
CA PRO A 289 -13.59 0.84 16.28
C PRO A 289 -14.65 0.23 17.20
N PRO A 290 -14.54 -1.08 17.48
CA PRO A 290 -15.50 -1.77 18.36
C PRO A 290 -15.43 -1.18 19.77
N GLU A 291 -16.58 -1.06 20.43
CA GLU A 291 -16.63 -0.52 21.79
C GLU A 291 -15.73 -1.30 22.74
N ASP A 292 -15.59 -2.60 22.49
CA ASP A 292 -14.77 -3.47 23.33
C ASP A 292 -13.30 -3.47 22.88
N GLY A 293 -13.03 -2.83 21.75
CA GLY A 293 -11.67 -2.78 21.24
C GLY A 293 -11.04 -4.15 21.04
N LYS A 294 -11.83 -5.14 20.60
CA LYS A 294 -11.31 -6.48 20.39
C LYS A 294 -10.15 -6.49 19.40
N GLY A 295 -10.27 -5.70 18.34
CA GLY A 295 -9.21 -5.64 17.35
C GLY A 295 -7.89 -5.21 17.96
N ALA A 296 -7.95 -4.17 18.79
CA ALA A 296 -6.74 -3.67 19.45
C ALA A 296 -6.18 -4.73 20.38
N VAL A 297 -7.07 -5.44 21.07
CA VAL A 297 -6.66 -6.48 21.99
C VAL A 297 -5.91 -7.57 21.21
N LEU A 298 -6.46 -7.97 20.06
CA LEU A 298 -5.83 -8.99 19.24
C LEU A 298 -4.42 -8.60 18.78
N ALA A 299 -4.29 -7.38 18.26
CA ALA A 299 -3.00 -6.90 17.78
C ALA A 299 -1.92 -6.93 18.87
N MET A 300 -2.23 -6.36 20.04
CA MET A 300 -1.28 -6.34 21.14
C MET A 300 -0.95 -7.76 21.64
N THR A 301 -1.96 -8.61 21.74
CA THR A 301 -1.79 -9.98 22.19
C THR A 301 -0.93 -10.77 21.22
N ARG A 302 -1.19 -10.61 19.93
CA ARG A 302 -0.43 -11.32 18.92
C ARG A 302 1.04 -10.89 18.95
N ALA A 303 1.29 -9.61 19.18
CA ALA A 303 2.67 -9.13 19.24
C ALA A 303 3.34 -9.77 20.46
N LEU A 304 2.63 -9.86 21.57
CA LEU A 304 3.17 -10.47 22.78
C LEU A 304 3.53 -11.94 22.55
N ARG A 305 2.56 -12.69 22.05
CA ARG A 305 2.76 -14.12 21.78
C ARG A 305 4.00 -14.35 20.92
N GLN A 306 4.14 -13.57 19.86
CA GLN A 306 5.29 -13.69 18.97
C GLN A 306 6.63 -13.46 19.66
N SER A 307 6.65 -12.57 20.66
CA SER A 307 7.86 -12.25 21.38
C SER A 307 8.09 -13.20 22.54
N GLY A 308 7.08 -14.00 22.85
CA GLY A 308 7.20 -14.93 23.95
C GLY A 308 7.23 -14.21 25.28
N LEU A 309 6.71 -12.99 25.32
CA LEU A 309 6.70 -12.22 26.56
C LEU A 309 5.30 -12.16 27.17
N CYS A 310 5.25 -12.06 28.49
CA CYS A 310 3.97 -11.95 29.20
C CYS A 310 3.62 -10.48 29.32
N PRO A 311 2.34 -10.16 29.52
CA PRO A 311 1.91 -8.77 29.66
C PRO A 311 2.72 -7.96 30.67
N ASN A 312 2.93 -8.54 31.86
CA ASN A 312 3.67 -7.84 32.90
C ASN A 312 5.15 -7.60 32.57
N GLN A 313 5.59 -8.08 31.40
CA GLN A 313 6.99 -7.88 31.01
C GLN A 313 7.13 -6.67 30.07
N ILE A 314 6.04 -5.95 29.86
CA ILE A 314 6.04 -4.77 28.99
C ILE A 314 6.17 -3.53 29.86
N ASP A 315 7.23 -2.76 29.64
CA ASP A 315 7.44 -1.57 30.45
C ASP A 315 6.72 -0.32 29.95
N TYR A 316 6.73 -0.12 28.63
CA TYR A 316 6.11 1.06 28.06
C TYR A 316 5.25 0.80 26.83
N VAL A 317 4.15 1.54 26.72
CA VAL A 317 3.27 1.42 25.58
C VAL A 317 3.01 2.80 24.98
N ASN A 318 3.33 2.97 23.71
CA ASN A 318 3.07 4.23 23.04
C ASN A 318 1.72 4.01 22.38
N ALA A 319 0.69 4.54 23.02
CA ALA A 319 -0.69 4.40 22.55
C ALA A 319 -0.92 5.12 21.23
N HIS A 320 -1.88 4.61 20.47
CA HIS A 320 -2.22 5.21 19.19
C HIS A 320 -3.03 6.48 19.45
N ALA A 321 -3.83 6.46 20.51
CA ALA A 321 -4.72 7.57 20.91
C ALA A 321 -4.43 8.88 20.18
N THR A 322 -5.34 9.22 19.26
CA THR A 322 -5.23 10.41 18.43
C THR A 322 -6.00 11.62 18.96
N SER A 323 -6.57 11.48 20.16
CA SER A 323 -7.35 12.54 20.79
C SER A 323 -8.78 12.49 20.26
N THR A 324 -9.31 11.29 20.11
N THR A 324 -9.32 11.27 20.11
CA THR A 324 -10.68 11.09 19.63
CA THR A 324 -10.67 11.08 19.64
C THR A 324 -11.51 10.56 20.79
C THR A 324 -11.52 10.55 20.79
N PRO A 325 -12.72 11.11 20.98
CA PRO A 325 -13.63 10.68 22.05
C PRO A 325 -13.76 9.17 22.21
N ILE A 326 -14.25 8.52 21.18
CA ILE A 326 -14.43 7.07 21.23
C ILE A 326 -13.12 6.30 21.12
N GLY A 327 -12.31 6.63 20.12
CA GLY A 327 -11.05 5.93 19.91
C GLY A 327 -10.16 5.80 21.14
N ASP A 328 -9.84 6.93 21.77
CA ASP A 328 -8.97 6.94 22.94
C ASP A 328 -9.48 6.02 24.05
N ALA A 329 -10.78 6.10 24.34
CA ALA A 329 -11.38 5.29 25.39
C ALA A 329 -11.33 3.81 25.06
N VAL A 330 -11.58 3.45 23.81
CA VAL A 330 -11.55 2.05 23.40
C VAL A 330 -10.16 1.45 23.61
N GLU A 331 -9.12 2.19 23.22
CA GLU A 331 -7.76 1.69 23.38
C GLU A 331 -7.41 1.54 24.87
N ALA A 332 -7.77 2.52 25.69
CA ALA A 332 -7.49 2.45 27.12
C ALA A 332 -8.14 1.18 27.65
N ARG A 333 -9.34 0.90 27.16
CA ARG A 333 -10.10 -0.27 27.57
C ARG A 333 -9.39 -1.55 27.11
N ALA A 334 -8.83 -1.52 25.90
CA ALA A 334 -8.11 -2.68 25.37
C ALA A 334 -6.82 -2.92 26.15
N ILE A 335 -6.18 -1.84 26.57
CA ILE A 335 -4.94 -1.93 27.33
C ILE A 335 -5.23 -2.61 28.67
N LYS A 336 -6.39 -2.31 29.24
CA LYS A 336 -6.77 -2.92 30.50
C LYS A 336 -7.02 -4.41 30.31
N THR A 337 -7.67 -4.77 29.21
CA THR A 337 -7.96 -6.17 28.93
C THR A 337 -6.69 -6.98 28.71
N VAL A 338 -5.73 -6.38 28.01
CA VAL A 338 -4.47 -7.05 27.70
C VAL A 338 -3.51 -7.15 28.88
N PHE A 339 -3.31 -6.06 29.60
CA PHE A 339 -2.37 -6.05 30.72
C PHE A 339 -3.01 -6.21 32.09
N SER A 340 -4.33 -6.12 32.15
CA SER A 340 -5.09 -6.23 33.39
C SER A 340 -4.35 -5.61 34.59
N GLU A 341 -4.10 -6.43 35.60
CA GLU A 341 -3.44 -5.98 36.83
C GLU A 341 -2.19 -5.13 36.57
N HIS A 342 -1.37 -5.56 35.62
CA HIS A 342 -0.15 -4.84 35.29
C HIS A 342 -0.42 -3.38 34.93
N ALA A 343 -1.60 -3.12 34.37
CA ALA A 343 -1.98 -1.77 33.98
C ALA A 343 -2.79 -1.07 35.06
N THR A 344 -3.75 -1.76 35.63
CA THR A 344 -4.61 -1.18 36.67
C THR A 344 -3.86 -0.84 37.95
N SER A 345 -2.71 -1.47 38.17
CA SER A 345 -1.90 -1.18 39.36
C SER A 345 -1.06 0.06 39.16
N GLY A 346 -0.85 0.46 37.91
CA GLY A 346 -0.05 1.63 37.64
C GLY A 346 1.37 1.26 37.26
N THR A 347 1.69 -0.03 37.31
CA THR A 347 3.03 -0.50 36.96
C THR A 347 3.35 -0.18 35.51
N LEU A 348 2.41 -0.48 34.60
CA LEU A 348 2.60 -0.22 33.18
C LEU A 348 2.69 1.27 32.87
N ALA A 349 3.64 1.66 32.04
CA ALA A 349 3.76 3.05 31.66
C ALA A 349 3.22 3.18 30.23
N PHE A 350 2.33 4.16 30.01
CA PHE A 350 1.78 4.35 28.68
C PHE A 350 1.42 5.80 28.44
N SER A 351 1.56 6.24 27.21
CA SER A 351 1.25 7.60 26.85
C SER A 351 1.07 7.72 25.36
N SER A 352 0.52 8.85 24.93
CA SER A 352 0.37 9.13 23.52
C SER A 352 1.15 10.41 23.26
N THR A 353 1.89 10.41 22.17
CA THR A 353 2.71 11.55 21.82
C THR A 353 2.07 12.43 20.73
N LYS A 354 0.87 12.06 20.29
CA LYS A 354 0.19 12.83 19.25
C LYS A 354 -0.25 14.20 19.75
N GLY A 355 -0.18 14.42 21.06
CA GLY A 355 -0.54 15.71 21.59
C GLY A 355 0.49 16.73 21.14
N ALA A 356 1.72 16.26 20.93
CA ALA A 356 2.83 17.10 20.52
C ALA A 356 3.08 17.13 19.01
N THR A 357 3.01 15.96 18.38
CA THR A 357 3.27 15.84 16.94
C THR A 357 2.02 15.88 16.09
N GLY A 358 0.88 15.63 16.71
CA GLY A 358 -0.36 15.57 15.96
C GLY A 358 -0.39 14.17 15.37
N HIS A 359 -1.40 13.90 14.54
CA HIS A 359 -1.58 12.59 13.91
C HIS A 359 -0.88 12.59 12.55
N LEU A 360 0.27 11.91 12.47
CA LEU A 360 1.02 11.88 11.21
C LEU A 360 0.47 10.86 10.19
N LEU A 361 -0.70 10.32 10.47
CA LEU A 361 -1.35 9.38 9.55
C LEU A 361 -0.43 8.25 9.08
N GLY A 362 -0.16 8.22 7.78
CA GLY A 362 0.70 7.20 7.21
C GLY A 362 2.05 7.09 7.89
N ALA A 363 2.53 8.18 8.48
CA ALA A 363 3.83 8.18 9.15
C ALA A 363 3.75 7.99 10.67
N ALA A 364 2.56 8.09 11.22
CA ALA A 364 2.39 7.95 12.67
C ALA A 364 3.03 6.70 13.28
N GLY A 365 2.79 5.55 12.66
CA GLY A 365 3.34 4.30 13.15
C GLY A 365 4.85 4.19 13.11
N ALA A 366 5.48 4.84 12.14
CA ALA A 366 6.93 4.82 12.01
C ALA A 366 7.57 5.75 13.03
N VAL A 367 7.07 6.98 13.10
CA VAL A 367 7.60 7.95 14.04
C VAL A 367 7.44 7.42 15.48
N GLU A 368 6.28 6.82 15.75
CA GLU A 368 6.01 6.29 17.09
C GLU A 368 6.84 5.04 17.41
N ALA A 369 7.25 4.31 16.37
CA ALA A 369 8.09 3.15 16.61
C ALA A 369 9.45 3.71 17.03
N ILE A 370 9.85 4.81 16.39
CA ILE A 370 11.12 5.44 16.73
C ILE A 370 11.09 5.92 18.20
N PHE A 371 9.99 6.55 18.60
CA PHE A 371 9.86 7.02 19.98
C PHE A 371 9.95 5.84 20.96
N SER A 372 9.35 4.71 20.59
CA SER A 372 9.36 3.51 21.43
C SER A 372 10.78 2.94 21.52
N ILE A 373 11.47 2.95 20.39
CA ILE A 373 12.84 2.45 20.37
C ILE A 373 13.71 3.39 21.22
N LEU A 374 13.48 4.70 21.10
CA LEU A 374 14.25 5.67 21.87
C LEU A 374 13.99 5.62 23.38
N ALA A 375 12.77 5.24 23.76
CA ALA A 375 12.42 5.12 25.17
C ALA A 375 13.31 4.02 25.76
N ILE A 376 13.44 2.92 25.00
CA ILE A 376 14.28 1.81 25.44
C ILE A 376 15.74 2.24 25.49
N HIS A 377 16.19 2.88 24.42
CA HIS A 377 17.57 3.34 24.30
C HIS A 377 17.99 4.32 25.39
N HIS A 378 17.14 5.31 25.68
CA HIS A 378 17.44 6.33 26.68
C HIS A 378 16.87 6.09 28.08
N GLY A 379 15.95 5.15 28.21
CA GLY A 379 15.36 4.90 29.52
C GLY A 379 14.53 6.11 29.95
N VAL A 380 13.77 6.64 29.01
CA VAL A 380 12.90 7.79 29.24
C VAL A 380 11.63 7.58 28.42
N ALA A 381 10.48 7.74 29.07
CA ALA A 381 9.20 7.57 28.39
C ALA A 381 8.57 8.95 28.20
N PRO A 382 8.17 9.28 26.96
CA PRO A 382 7.55 10.57 26.65
C PRO A 382 6.20 10.80 27.33
N MET A 383 5.93 12.06 27.68
CA MET A 383 4.68 12.45 28.33
C MET A 383 3.55 12.59 27.32
N THR A 384 2.34 12.70 27.84
CA THR A 384 1.16 12.92 27.01
C THR A 384 0.79 14.37 27.31
N LEU A 385 0.65 15.20 26.29
CA LEU A 385 0.31 16.60 26.52
C LEU A 385 -1.19 16.85 26.63
N ASN A 386 -1.54 17.93 27.31
CA ASN A 386 -2.91 18.37 27.48
C ASN A 386 -3.90 17.48 28.22
N VAL A 387 -3.40 16.66 29.15
CA VAL A 387 -4.29 15.79 29.91
C VAL A 387 -4.69 16.54 31.18
N LYS A 388 -5.55 17.54 31.05
CA LYS A 388 -5.96 18.33 32.20
C LYS A 388 -7.02 17.61 33.03
N ASN A 389 -7.93 16.93 32.35
CA ASN A 389 -8.99 16.19 33.02
C ASN A 389 -9.06 14.79 32.42
N PRO A 390 -8.32 13.83 33.02
CA PRO A 390 -8.27 12.45 32.56
C PRO A 390 -9.65 11.83 32.34
N ASP A 391 -9.73 11.00 31.30
CA ASP A 391 -10.96 10.31 30.95
C ASP A 391 -11.40 9.49 32.18
N PRO A 392 -12.72 9.40 32.42
CA PRO A 392 -13.31 8.67 33.54
C PRO A 392 -12.76 7.25 33.72
N ILE A 393 -12.31 6.65 32.63
CA ILE A 393 -11.77 5.30 32.69
C ILE A 393 -10.47 5.21 33.50
N PHE A 394 -9.77 6.33 33.62
CA PHE A 394 -8.51 6.36 34.37
C PHE A 394 -8.72 6.71 35.84
N ASP A 395 -7.73 6.39 36.66
CA ASP A 395 -7.77 6.71 38.09
C ASP A 395 -6.38 6.92 38.65
N LYS A 396 -6.30 7.06 39.98
CA LYS A 396 -5.05 7.30 40.67
C LYS A 396 -3.94 6.31 40.30
N ARG A 397 -4.32 5.13 39.80
CA ARG A 397 -3.35 4.11 39.42
C ARG A 397 -3.23 3.97 37.90
N PHE A 398 -4.34 3.66 37.24
CA PHE A 398 -4.37 3.50 35.79
C PHE A 398 -4.50 4.90 35.18
N MET A 399 -3.36 5.43 34.73
CA MET A 399 -3.31 6.78 34.20
C MET A 399 -2.15 6.95 33.22
N PRO A 400 -2.37 7.68 32.11
CA PRO A 400 -1.31 7.90 31.13
C PRO A 400 -0.30 8.90 31.70
N LEU A 401 0.95 8.80 31.25
CA LEU A 401 2.00 9.70 31.71
C LEU A 401 1.70 11.14 31.29
N THR A 402 1.89 12.06 32.22
CA THR A 402 1.65 13.48 31.97
C THR A 402 2.94 14.27 32.08
N THR A 403 4.04 13.56 32.32
CA THR A 403 5.35 14.19 32.40
C THR A 403 6.32 13.14 31.89
N SER A 404 7.38 13.60 31.23
CA SER A 404 8.37 12.66 30.71
C SER A 404 9.16 12.16 31.90
N LYS A 405 9.07 10.86 32.20
CA LYS A 405 9.80 10.35 33.36
C LYS A 405 10.89 9.35 33.04
N LYS A 406 11.98 9.41 33.81
CA LYS A 406 13.07 8.49 33.64
C LYS A 406 12.59 7.16 34.19
N MET A 407 13.00 6.08 33.55
CA MET A 407 12.64 4.74 33.98
C MET A 407 13.31 3.74 33.06
N LEU A 408 13.60 2.55 33.60
CA LEU A 408 14.21 1.52 32.79
C LEU A 408 13.12 1.04 31.82
N VAL A 409 13.45 0.99 30.54
CA VAL A 409 12.50 0.53 29.54
C VAL A 409 13.18 -0.54 28.71
N ARG A 410 12.94 -1.81 29.04
CA ARG A 410 13.57 -2.87 28.26
C ARG A 410 12.65 -3.35 27.15
N THR A 411 11.37 -3.03 27.26
CA THR A 411 10.40 -3.42 26.24
C THR A 411 9.39 -2.31 25.98
N ALA A 412 9.09 -2.06 24.71
CA ALA A 412 8.12 -1.03 24.36
C ALA A 412 7.22 -1.46 23.21
N MET A 413 5.92 -1.25 23.38
CA MET A 413 4.91 -1.61 22.40
C MET A 413 4.28 -0.34 21.84
N SER A 414 4.15 -0.29 20.51
CA SER A 414 3.57 0.87 19.81
C SER A 414 2.38 0.41 18.97
N ASN A 415 1.20 0.98 19.23
CA ASN A 415 -0.01 0.61 18.51
C ASN A 415 -0.41 1.58 17.41
N SER A 416 -0.92 1.04 16.32
CA SER A 416 -1.39 1.86 15.19
C SER A 416 -2.69 1.28 14.65
N PHE A 417 -3.74 2.09 14.65
CA PHE A 417 -5.05 1.68 14.16
C PHE A 417 -5.52 2.64 13.08
N GLY A 418 -5.88 2.13 11.91
CA GLY A 418 -6.32 2.98 10.83
C GLY A 418 -7.74 2.71 10.34
N PHE A 419 -8.24 3.59 9.48
CA PHE A 419 -9.58 3.44 8.92
C PHE A 419 -9.75 2.08 8.27
N GLY A 420 -10.92 1.48 8.45
CA GLY A 420 -11.19 0.18 7.87
C GLY A 420 -10.92 -0.91 8.90
N GLY A 421 -10.59 -0.47 10.12
CA GLY A 421 -10.33 -1.40 11.20
C GLY A 421 -9.02 -2.17 11.07
N THR A 422 -8.04 -1.59 10.40
CA THR A 422 -6.74 -2.24 10.22
C THR A 422 -5.83 -1.91 11.42
N ASN A 423 -5.46 -2.94 12.18
CA ASN A 423 -4.63 -2.78 13.38
C ASN A 423 -3.26 -3.43 13.32
N ALA A 424 -2.28 -2.77 13.95
CA ALA A 424 -0.92 -3.31 14.01
C ALA A 424 -0.30 -2.89 15.31
N SER A 425 0.49 -3.78 15.90
CA SER A 425 1.16 -3.50 17.14
C SER A 425 2.60 -3.99 17.03
N LEU A 426 3.54 -3.06 17.19
CA LEU A 426 4.96 -3.40 17.11
C LEU A 426 5.57 -3.47 18.49
N LEU A 427 6.26 -4.58 18.77
CA LEU A 427 6.89 -4.75 20.07
C LEU A 427 8.42 -4.79 19.94
N PHE A 428 9.08 -3.87 20.63
CA PHE A 428 10.54 -3.78 20.62
C PHE A 428 11.11 -4.15 21.98
N ALA A 429 12.34 -4.64 21.99
CA ALA A 429 13.00 -5.02 23.23
C ALA A 429 14.51 -4.77 23.16
N SER A 430 15.13 -4.47 24.30
CA SER A 430 16.56 -4.25 24.33
C SER A 430 17.24 -5.59 24.07
N ILE A 431 18.45 -5.55 23.52
CA ILE A 431 19.19 -6.76 23.19
C ILE A 431 20.70 -6.57 23.38
N ARG B 1 5.77 -24.30 7.17
CA ARG B 1 4.36 -24.05 6.73
C ARG B 1 4.26 -23.82 5.23
N ARG B 2 3.50 -24.69 4.57
CA ARG B 2 3.29 -24.57 3.14
C ARG B 2 2.00 -23.83 2.92
N VAL B 3 1.92 -23.10 1.80
CA VAL B 3 0.75 -22.31 1.45
C VAL B 3 0.18 -22.71 0.10
N VAL B 4 -1.10 -23.08 0.09
CA VAL B 4 -1.75 -23.48 -1.14
C VAL B 4 -2.93 -22.56 -1.44
N VAL B 5 -3.45 -22.67 -2.67
CA VAL B 5 -4.59 -21.86 -3.09
C VAL B 5 -5.83 -22.74 -3.13
N THR B 6 -6.88 -22.31 -2.44
CA THR B 6 -8.12 -23.08 -2.40
C THR B 6 -9.33 -22.32 -2.92
N GLY B 7 -9.12 -21.09 -3.36
CA GLY B 7 -10.22 -20.30 -3.88
C GLY B 7 -9.80 -19.26 -4.90
N LEU B 8 -10.58 -19.11 -5.96
CA LEU B 8 -10.31 -18.15 -7.03
C LEU B 8 -11.51 -17.29 -7.34
N GLY B 9 -11.30 -15.98 -7.47
CA GLY B 9 -12.38 -15.07 -7.79
C GLY B 9 -11.85 -13.91 -8.62
N MET B 10 -12.63 -13.44 -9.59
CA MET B 10 -12.17 -12.32 -10.40
C MET B 10 -13.26 -11.63 -11.21
N VAL B 11 -13.03 -10.35 -11.49
CA VAL B 11 -13.92 -9.51 -12.27
C VAL B 11 -12.97 -8.80 -13.23
N THR B 12 -13.15 -9.02 -14.53
CA THR B 12 -12.25 -8.44 -15.53
C THR B 12 -12.97 -7.97 -16.80
N PRO B 13 -12.24 -7.32 -17.73
CA PRO B 13 -12.85 -6.87 -18.97
C PRO B 13 -13.32 -8.05 -19.81
N LEU B 14 -12.92 -9.26 -19.41
CA LEU B 14 -13.34 -10.46 -20.14
C LEU B 14 -14.57 -11.06 -19.49
N GLY B 15 -15.07 -10.42 -18.44
CA GLY B 15 -16.25 -10.92 -17.78
C GLY B 15 -16.15 -11.00 -16.27
N ARG B 16 -17.31 -11.12 -15.64
CA ARG B 16 -17.37 -11.25 -14.19
C ARG B 16 -17.38 -12.75 -13.92
N GLY B 17 -16.45 -13.20 -13.09
CA GLY B 17 -16.34 -14.61 -12.76
C GLY B 17 -15.15 -15.28 -13.43
N VAL B 18 -14.51 -16.21 -12.73
CA VAL B 18 -13.35 -16.94 -13.24
C VAL B 18 -13.73 -17.75 -14.49
N GLU B 19 -14.85 -18.45 -14.42
CA GLU B 19 -15.34 -19.27 -15.52
C GLU B 19 -15.37 -18.50 -16.83
N THR B 20 -16.12 -17.40 -16.84
CA THR B 20 -16.26 -16.57 -18.04
C THR B 20 -14.94 -16.00 -18.55
N THR B 21 -14.19 -15.36 -17.64
CA THR B 21 -12.91 -14.76 -17.98
C THR B 21 -11.96 -15.77 -18.61
N TRP B 22 -11.80 -16.93 -17.96
CA TRP B 22 -10.92 -17.97 -18.47
C TRP B 22 -11.35 -18.47 -19.84
N ARG B 23 -12.63 -18.81 -19.97
CA ARG B 23 -13.16 -19.30 -21.23
C ARG B 23 -12.84 -18.34 -22.37
N ARG B 24 -13.21 -17.08 -22.22
CA ARG B 24 -12.97 -16.07 -23.25
C ARG B 24 -11.48 -15.87 -23.51
N LEU B 25 -10.68 -15.92 -22.45
CA LEU B 25 -9.23 -15.76 -22.59
C LEU B 25 -8.66 -16.84 -23.50
N ILE B 26 -8.96 -18.09 -23.17
CA ILE B 26 -8.50 -19.21 -23.94
C ILE B 26 -9.00 -19.16 -25.38
N ASP B 27 -10.23 -18.71 -25.57
CA ASP B 27 -10.81 -18.61 -26.91
C ASP B 27 -10.27 -17.45 -27.73
N GLY B 28 -9.24 -16.77 -27.21
CA GLY B 28 -8.63 -15.66 -27.92
C GLY B 28 -9.45 -14.39 -28.03
N GLU B 29 -10.24 -14.09 -27.01
CA GLU B 29 -11.06 -12.90 -27.02
C GLU B 29 -10.35 -11.69 -26.42
N CYS B 30 -10.97 -10.51 -26.56
CA CYS B 30 -10.40 -9.26 -26.09
C CYS B 30 -11.46 -8.37 -25.45
N GLY B 31 -11.11 -7.68 -24.37
CA GLY B 31 -12.09 -6.82 -23.70
C GLY B 31 -11.88 -5.33 -23.90
N ILE B 32 -11.06 -4.97 -24.87
CA ILE B 32 -10.77 -3.56 -25.14
C ILE B 32 -11.76 -2.94 -26.13
N ARG B 33 -12.13 -1.68 -25.91
CA ARG B 33 -13.03 -0.95 -26.81
C ARG B 33 -12.65 0.53 -26.81
N GLY B 34 -13.24 1.28 -27.74
CA GLY B 34 -12.95 2.70 -27.83
C GLY B 34 -13.60 3.53 -26.75
N LEU B 35 -12.90 4.55 -26.29
CA LEU B 35 -13.41 5.44 -25.24
C LEU B 35 -14.48 6.37 -25.77
N THR B 36 -15.38 6.77 -24.88
CA THR B 36 -16.45 7.70 -25.23
C THR B 36 -16.48 8.77 -24.15
N LEU B 37 -17.27 9.82 -24.35
CA LEU B 37 -17.38 10.90 -23.38
C LEU B 37 -17.87 10.39 -22.04
N ASP B 38 -18.81 9.44 -22.08
CA ASP B 38 -19.36 8.87 -20.86
C ASP B 38 -18.34 8.14 -20.01
N ASP B 39 -17.29 7.61 -20.65
CA ASP B 39 -16.28 6.87 -19.91
C ASP B 39 -15.37 7.77 -19.08
N LEU B 40 -15.38 9.07 -19.36
CA LEU B 40 -14.54 10.01 -18.62
C LEU B 40 -14.94 10.12 -17.14
N LYS B 41 -16.16 9.68 -16.83
CA LYS B 41 -16.67 9.75 -15.46
C LYS B 41 -16.74 11.19 -15.00
N MET B 42 -17.21 12.07 -15.89
CA MET B 42 -17.33 13.48 -15.60
C MET B 42 -18.79 13.92 -15.58
N LYS B 43 -19.60 13.18 -14.82
CA LYS B 43 -21.03 13.47 -14.71
C LYS B 43 -21.30 14.89 -14.23
N SER B 44 -20.46 15.38 -13.32
CA SER B 44 -20.61 16.70 -12.74
C SER B 44 -20.10 17.83 -13.62
N PHE B 45 -19.67 17.51 -14.83
CA PHE B 45 -19.17 18.53 -15.74
C PHE B 45 -20.10 18.73 -16.93
N ASP B 46 -20.02 19.90 -17.55
CA ASP B 46 -20.87 20.20 -18.70
C ASP B 46 -20.29 19.56 -19.95
N GLU B 47 -21.09 19.56 -21.01
CA GLU B 47 -20.68 18.95 -22.27
C GLU B 47 -19.43 19.57 -22.87
N GLU B 48 -19.39 20.89 -22.92
CA GLU B 48 -18.25 21.61 -23.48
C GLU B 48 -16.92 21.17 -22.87
N THR B 49 -16.91 20.96 -21.55
CA THR B 49 -15.69 20.55 -20.85
C THR B 49 -15.39 19.08 -21.10
N LYS B 50 -16.44 18.26 -21.26
CA LYS B 50 -16.24 16.85 -21.54
C LYS B 50 -15.57 16.71 -22.90
N LEU B 51 -16.11 17.41 -23.91
CA LEU B 51 -15.55 17.37 -25.25
C LEU B 51 -14.11 17.83 -25.27
N TYR B 52 -13.85 18.94 -24.59
CA TYR B 52 -12.50 19.48 -24.52
C TYR B 52 -11.53 18.42 -23.99
N THR B 53 -11.89 17.84 -22.85
CA THR B 53 -11.06 16.83 -22.19
C THR B 53 -10.85 15.61 -23.10
N PHE B 54 -11.93 15.08 -23.63
CA PHE B 54 -11.85 13.92 -24.51
C PHE B 54 -10.91 14.20 -25.68
N ASP B 55 -11.01 15.40 -26.24
CA ASP B 55 -10.17 15.79 -27.37
C ASP B 55 -8.68 15.84 -27.04
N GLN B 56 -8.36 16.09 -25.77
CA GLN B 56 -6.97 16.18 -25.33
C GLN B 56 -6.34 14.81 -25.09
N LEU B 57 -7.17 13.79 -24.97
CA LEU B 57 -6.69 12.43 -24.71
C LEU B 57 -6.05 11.73 -25.90
N SER B 58 -4.75 11.51 -25.86
CA SER B 58 -4.07 10.84 -26.97
C SER B 58 -4.49 9.37 -27.06
N SER B 59 -4.76 8.76 -25.91
CA SER B 59 -5.20 7.36 -25.88
C SER B 59 -6.71 7.31 -25.69
N LYS B 60 -7.42 6.73 -26.66
CA LYS B 60 -8.87 6.62 -26.60
C LYS B 60 -9.35 5.17 -26.62
N VAL B 61 -8.67 4.33 -25.85
CA VAL B 61 -9.01 2.92 -25.77
C VAL B 61 -8.86 2.47 -24.32
N ALA B 62 -9.64 1.47 -23.92
CA ALA B 62 -9.56 0.96 -22.56
C ALA B 62 -10.32 -0.35 -22.46
N ALA B 63 -10.07 -1.09 -21.38
CA ALA B 63 -10.74 -2.37 -21.18
C ALA B 63 -11.68 -2.26 -19.99
N PHE B 64 -12.98 -2.32 -20.25
CA PHE B 64 -13.99 -2.18 -19.19
C PHE B 64 -14.62 -3.49 -18.72
N VAL B 65 -15.03 -3.51 -17.45
CA VAL B 65 -15.71 -4.66 -16.90
C VAL B 65 -17.15 -4.58 -17.42
N PRO B 66 -17.70 -5.70 -17.92
CA PRO B 66 -19.07 -5.74 -18.44
C PRO B 66 -20.13 -5.70 -17.33
N TYR B 67 -20.93 -4.65 -17.30
CA TYR B 67 -21.97 -4.49 -16.29
C TYR B 67 -23.30 -5.08 -16.76
N GLY B 68 -24.10 -5.58 -15.81
CA GLY B 68 -25.38 -6.17 -16.16
C GLY B 68 -25.82 -7.20 -15.15
N SER B 69 -27.07 -7.63 -15.26
CA SER B 69 -27.63 -8.61 -14.34
C SER B 69 -27.66 -9.99 -14.98
N ASN B 70 -27.01 -10.13 -16.14
CA ASN B 70 -26.97 -11.40 -16.84
C ASN B 70 -25.68 -12.15 -16.49
N PRO B 71 -25.65 -13.47 -16.73
CA PRO B 71 -24.46 -14.25 -16.43
C PRO B 71 -23.19 -13.69 -17.06
N GLY B 72 -22.10 -13.69 -16.29
CA GLY B 72 -20.84 -13.19 -16.78
C GLY B 72 -20.72 -11.68 -16.70
N GLU B 73 -21.75 -11.02 -16.15
CA GLU B 73 -21.73 -9.57 -16.01
C GLU B 73 -21.67 -9.13 -14.56
N PHE B 74 -21.12 -7.94 -14.32
CA PHE B 74 -20.97 -7.36 -12.99
C PHE B 74 -22.24 -6.60 -12.60
N ASP B 75 -22.94 -7.11 -11.59
CA ASP B 75 -24.18 -6.48 -11.14
C ASP B 75 -23.87 -5.39 -10.11
N GLU B 76 -23.88 -4.13 -10.55
CA GLU B 76 -23.57 -3.03 -9.64
C GLU B 76 -24.54 -2.88 -8.48
N ALA B 77 -25.73 -3.46 -8.62
CA ALA B 77 -26.73 -3.40 -7.57
C ALA B 77 -26.35 -4.25 -6.36
N LEU B 78 -25.57 -5.30 -6.60
CA LEU B 78 -25.15 -6.18 -5.52
C LEU B 78 -23.83 -5.77 -4.87
N TRP B 79 -22.99 -5.07 -5.62
CA TRP B 79 -21.69 -4.67 -5.10
C TRP B 79 -21.48 -3.17 -4.93
N LEU B 80 -22.06 -2.37 -5.82
CA LEU B 80 -21.92 -0.92 -5.74
C LEU B 80 -23.15 -0.35 -5.07
N ASN B 81 -23.36 -0.77 -3.83
CA ASN B 81 -24.51 -0.34 -3.04
C ASN B 81 -24.31 0.96 -2.26
N SER B 82 -23.60 0.88 -1.14
CA SER B 82 -23.38 2.05 -0.29
C SER B 82 -22.66 3.22 -0.99
N LYS B 83 -22.78 4.40 -0.39
CA LYS B 83 -22.15 5.60 -0.90
C LYS B 83 -20.67 5.66 -0.54
N ALA B 84 -20.22 4.69 0.24
CA ALA B 84 -18.84 4.63 0.66
C ALA B 84 -18.07 3.62 -0.18
N VAL B 85 -18.73 3.08 -1.20
CA VAL B 85 -18.12 2.07 -2.07
C VAL B 85 -17.74 2.59 -3.46
N ALA B 86 -16.44 2.77 -3.69
CA ALA B 86 -15.95 3.21 -4.99
C ALA B 86 -15.82 1.94 -5.84
N ASN B 87 -15.69 2.09 -7.16
CA ASN B 87 -15.58 0.92 -8.03
C ASN B 87 -14.53 -0.12 -7.61
N PHE B 88 -13.34 0.33 -7.23
CA PHE B 88 -12.29 -0.62 -6.87
C PHE B 88 -12.67 -1.44 -5.65
N ILE B 89 -13.50 -0.87 -4.78
CA ILE B 89 -13.94 -1.59 -3.60
C ILE B 89 -14.98 -2.64 -4.01
N GLY B 90 -15.93 -2.23 -4.83
CA GLY B 90 -16.96 -3.16 -5.28
C GLY B 90 -16.39 -4.36 -6.01
N TYR B 91 -15.44 -4.10 -6.92
CA TYR B 91 -14.81 -5.19 -7.68
C TYR B 91 -14.14 -6.19 -6.73
N ALA B 92 -13.40 -5.66 -5.75
CA ALA B 92 -12.70 -6.50 -4.78
C ALA B 92 -13.68 -7.38 -3.99
N VAL B 93 -14.75 -6.78 -3.47
CA VAL B 93 -15.73 -7.54 -2.70
C VAL B 93 -16.38 -8.62 -3.58
N CYS B 94 -16.74 -8.24 -4.80
CA CYS B 94 -17.35 -9.19 -5.73
C CYS B 94 -16.42 -10.38 -5.95
N ALA B 95 -15.18 -10.11 -6.33
CA ALA B 95 -14.20 -11.17 -6.56
C ALA B 95 -13.92 -12.01 -5.32
N ALA B 96 -13.88 -11.34 -4.16
CA ALA B 96 -13.61 -12.05 -2.92
C ALA B 96 -14.75 -13.01 -2.59
N ASP B 97 -15.98 -12.57 -2.80
CA ASP B 97 -17.13 -13.41 -2.51
C ASP B 97 -17.09 -14.68 -3.37
N GLU B 98 -16.68 -14.53 -4.62
CA GLU B 98 -16.58 -15.69 -5.51
C GLU B 98 -15.43 -16.60 -5.06
N ALA B 99 -14.32 -16.00 -4.65
CA ALA B 99 -13.16 -16.77 -4.20
C ALA B 99 -13.47 -17.54 -2.92
N LEU B 100 -14.17 -16.90 -1.99
CA LEU B 100 -14.53 -17.55 -0.73
C LEU B 100 -15.53 -18.68 -0.95
N ARG B 101 -16.57 -18.43 -1.76
CA ARG B 101 -17.54 -19.48 -2.03
C ARG B 101 -16.90 -20.64 -2.80
N ASP B 102 -15.91 -20.33 -3.64
CA ASP B 102 -15.22 -21.36 -4.39
C ASP B 102 -14.43 -22.23 -3.42
N ALA B 103 -13.81 -21.59 -2.43
CA ALA B 103 -13.03 -22.31 -1.44
C ALA B 103 -13.91 -22.84 -0.32
N GLU B 104 -15.20 -22.49 -0.35
CA GLU B 104 -16.15 -22.89 0.67
C GLU B 104 -15.64 -22.47 2.03
N TRP B 105 -15.23 -21.21 2.12
CA TRP B 105 -14.71 -20.65 3.37
C TRP B 105 -15.52 -19.45 3.82
N LEU B 106 -16.53 -19.73 4.63
CA LEU B 106 -17.40 -18.70 5.19
C LEU B 106 -17.62 -19.16 6.63
N PRO B 107 -16.52 -19.32 7.39
CA PRO B 107 -16.58 -19.77 8.78
C PRO B 107 -17.45 -18.96 9.73
N THR B 108 -18.09 -19.65 10.67
CA THR B 108 -18.93 -19.01 11.67
C THR B 108 -18.15 -18.93 12.99
N GLU B 109 -17.18 -19.83 13.15
CA GLU B 109 -16.37 -19.89 14.38
C GLU B 109 -15.44 -18.69 14.57
N GLU B 110 -15.41 -18.14 15.78
CA GLU B 110 -14.55 -17.00 16.04
C GLU B 110 -13.08 -17.33 15.79
N GLU B 111 -12.66 -18.54 16.16
CA GLU B 111 -11.28 -18.95 15.96
C GLU B 111 -10.89 -18.91 14.49
N GLU B 112 -11.71 -19.51 13.64
CA GLU B 112 -11.41 -19.53 12.21
C GLU B 112 -11.49 -18.12 11.63
N LYS B 113 -12.46 -17.32 12.09
CA LYS B 113 -12.58 -15.96 11.60
C LYS B 113 -11.37 -15.12 12.01
N GLU B 114 -10.86 -15.38 13.22
CA GLU B 114 -9.69 -14.67 13.75
C GLU B 114 -8.39 -15.08 13.06
N ARG B 115 -8.39 -16.30 12.51
CA ARG B 115 -7.24 -16.83 11.81
C ARG B 115 -7.33 -16.59 10.31
N THR B 116 -8.30 -15.77 9.90
CA THR B 116 -8.44 -15.45 8.48
C THR B 116 -8.19 -13.96 8.29
N GLY B 117 -7.29 -13.64 7.38
CA GLY B 117 -6.95 -12.25 7.11
C GLY B 117 -7.27 -11.81 5.69
N VAL B 118 -7.05 -10.54 5.41
CA VAL B 118 -7.33 -9.97 4.09
C VAL B 118 -6.19 -9.06 3.65
N SER B 119 -5.72 -9.27 2.43
CA SER B 119 -4.65 -8.47 1.88
C SER B 119 -4.93 -8.20 0.41
N ILE B 120 -5.78 -7.21 0.16
CA ILE B 120 -6.15 -6.82 -1.20
C ILE B 120 -5.86 -5.33 -1.36
N GLY B 121 -4.90 -4.99 -2.21
CA GLY B 121 -4.57 -3.60 -2.38
C GLY B 121 -5.03 -2.97 -3.69
N GLY B 122 -5.00 -1.65 -3.72
CA GLY B 122 -5.36 -0.90 -4.91
C GLY B 122 -4.15 -0.07 -5.28
N GLY B 123 -3.92 0.11 -6.58
CA GLY B 123 -2.76 0.87 -7.00
C GLY B 123 -2.93 2.38 -7.06
N ILE B 124 -4.13 2.86 -7.36
CA ILE B 124 -4.38 4.29 -7.46
C ILE B 124 -5.55 4.76 -6.60
N GLY B 125 -6.61 3.96 -6.55
CA GLY B 125 -7.76 4.33 -5.75
C GLY B 125 -8.91 4.88 -6.57
N SER B 126 -9.37 6.07 -6.21
CA SER B 126 -10.48 6.67 -6.93
C SER B 126 -10.21 8.12 -7.30
N ILE B 127 -9.45 8.30 -8.38
CA ILE B 127 -9.10 9.63 -8.85
C ILE B 127 -10.34 10.46 -9.18
N CYS B 128 -11.32 9.86 -9.85
CA CYS B 128 -12.52 10.59 -10.23
C CYS B 128 -13.21 11.25 -9.04
N ASP B 129 -13.18 10.59 -7.88
CA ASP B 129 -13.80 11.17 -6.68
C ASP B 129 -13.07 12.43 -6.24
N ILE B 130 -11.73 12.39 -6.32
CA ILE B 130 -10.94 13.55 -5.93
C ILE B 130 -11.16 14.69 -6.94
N VAL B 131 -11.25 14.34 -8.22
CA VAL B 131 -11.49 15.32 -9.27
C VAL B 131 -12.81 16.04 -9.01
N GLU B 132 -13.83 15.27 -8.62
CA GLU B 132 -15.16 15.81 -8.34
C GLU B 132 -15.11 16.78 -7.15
N ALA B 133 -14.41 16.37 -6.09
CA ALA B 133 -14.27 17.17 -4.89
C ALA B 133 -13.53 18.45 -5.25
N ALA B 134 -12.50 18.32 -6.07
CA ALA B 134 -11.70 19.44 -6.51
C ALA B 134 -12.59 20.45 -7.24
N GLN B 135 -13.50 19.95 -8.07
CA GLN B 135 -14.40 20.82 -8.81
C GLN B 135 -15.26 21.65 -7.84
N LEU B 136 -15.53 21.11 -6.65
CA LEU B 136 -16.32 21.82 -5.64
C LEU B 136 -15.52 23.03 -5.14
N ILE B 137 -14.20 22.94 -5.21
CA ILE B 137 -13.35 24.05 -4.80
C ILE B 137 -13.37 25.11 -5.90
N CYS B 138 -13.20 24.68 -7.15
CA CYS B 138 -13.20 25.61 -8.28
C CYS B 138 -14.55 26.32 -8.42
N GLU B 139 -15.61 25.67 -7.99
CA GLU B 139 -16.95 26.23 -8.10
C GLU B 139 -17.51 26.72 -6.78
N LYS B 140 -16.66 26.71 -5.75
CA LYS B 140 -17.05 27.14 -4.41
C LYS B 140 -18.35 26.49 -3.96
N ARG B 141 -18.39 25.15 -3.95
CA ARG B 141 -19.56 24.42 -3.52
C ARG B 141 -19.14 23.26 -2.60
N LEU B 142 -18.20 23.55 -1.70
CA LEU B 142 -17.69 22.53 -0.79
C LEU B 142 -18.71 21.93 0.17
N ARG B 143 -19.86 22.58 0.33
CA ARG B 143 -20.89 22.07 1.22
C ARG B 143 -21.45 20.76 0.66
N ARG B 144 -21.15 20.49 -0.61
CA ARG B 144 -21.63 19.28 -1.24
C ARG B 144 -20.62 18.15 -1.12
N LEU B 145 -19.56 18.38 -0.35
CA LEU B 145 -18.54 17.35 -0.17
C LEU B 145 -19.10 16.19 0.63
N SER B 146 -18.96 14.99 0.08
CA SER B 146 -19.46 13.79 0.71
C SER B 146 -18.73 13.44 2.00
N PRO B 147 -19.48 13.01 3.02
CA PRO B 147 -18.84 12.64 4.29
C PRO B 147 -18.09 11.32 4.14
N PHE B 148 -18.29 10.65 3.00
CA PHE B 148 -17.61 9.38 2.74
C PHE B 148 -16.41 9.56 1.81
N PHE B 149 -16.08 10.82 1.51
CA PHE B 149 -14.97 11.13 0.63
C PHE B 149 -13.68 10.38 0.96
N ILE B 150 -13.18 10.58 2.18
CA ILE B 150 -11.95 9.94 2.62
C ILE B 150 -12.00 8.41 2.53
N PRO B 151 -13.05 7.79 3.06
CA PRO B 151 -13.17 6.33 3.01
C PRO B 151 -13.20 5.80 1.59
N LYS B 152 -13.63 6.63 0.65
CA LYS B 152 -13.70 6.23 -0.75
C LYS B 152 -12.38 6.31 -1.50
N ILE B 153 -11.46 7.13 -1.01
CA ILE B 153 -10.18 7.28 -1.69
C ILE B 153 -9.02 6.51 -1.06
N LEU B 154 -9.23 5.97 0.13
CA LEU B 154 -8.19 5.21 0.82
C LEU B 154 -8.01 3.87 0.10
N VAL B 155 -6.83 3.67 -0.47
CA VAL B 155 -6.54 2.45 -1.21
C VAL B 155 -6.51 1.15 -0.42
N ASN B 156 -6.72 1.24 0.89
CA ASN B 156 -6.72 0.06 1.75
C ASN B 156 -8.12 -0.35 2.15
N MET B 157 -9.13 0.42 1.75
CA MET B 157 -10.49 0.10 2.14
C MET B 157 -11.05 -1.19 1.56
N ALA B 158 -10.50 -1.64 0.44
CA ALA B 158 -10.98 -2.88 -0.14
C ALA B 158 -10.82 -4.01 0.88
N SER B 159 -9.66 -4.11 1.52
CA SER B 159 -9.45 -5.17 2.50
C SER B 159 -10.31 -4.90 3.74
N GLY B 160 -10.59 -3.63 4.00
CA GLY B 160 -11.41 -3.29 5.14
C GLY B 160 -12.85 -3.73 4.93
N HIS B 161 -13.39 -3.47 3.75
CA HIS B 161 -14.77 -3.87 3.45
C HIS B 161 -14.93 -5.39 3.42
N VAL B 162 -13.97 -6.09 2.83
CA VAL B 162 -14.06 -7.54 2.76
C VAL B 162 -13.98 -8.15 4.16
N SER B 163 -13.09 -7.63 5.00
CA SER B 163 -12.96 -8.16 6.35
C SER B 163 -14.24 -8.02 7.15
N MET B 164 -14.82 -6.82 7.20
CA MET B 164 -16.03 -6.65 7.98
C MET B 164 -17.22 -7.40 7.41
N LYS B 165 -17.19 -7.65 6.10
CA LYS B 165 -18.29 -8.39 5.49
C LYS B 165 -18.37 -9.84 5.98
N TYR B 166 -17.23 -10.49 6.15
CA TYR B 166 -17.20 -11.88 6.61
C TYR B 166 -16.74 -12.06 8.06
N GLY B 167 -16.41 -10.94 8.72
CA GLY B 167 -15.95 -10.99 10.09
C GLY B 167 -14.53 -11.48 10.26
N PHE B 168 -13.72 -11.35 9.22
CA PHE B 168 -12.33 -11.80 9.28
C PHE B 168 -11.49 -10.83 10.11
N GLN B 169 -10.97 -11.32 11.22
CA GLN B 169 -10.18 -10.50 12.14
C GLN B 169 -8.69 -10.84 12.14
N GLY B 170 -8.24 -11.51 11.09
CA GLY B 170 -6.83 -11.83 10.98
C GLY B 170 -6.19 -10.55 10.46
N PRO B 171 -4.93 -10.60 10.04
CA PRO B 171 -4.25 -9.40 9.53
C PRO B 171 -5.06 -8.69 8.42
N ASN B 172 -5.27 -7.38 8.60
CA ASN B 172 -6.01 -6.53 7.66
C ASN B 172 -4.88 -5.68 7.05
N HIS B 173 -4.40 -6.14 5.90
CA HIS B 173 -3.25 -5.55 5.23
C HIS B 173 -3.49 -5.21 3.77
N ALA B 174 -2.57 -4.44 3.20
CA ALA B 174 -2.64 -4.08 1.80
C ALA B 174 -1.25 -3.69 1.37
N ALA B 175 -0.84 -4.22 0.22
CA ALA B 175 0.46 -3.90 -0.33
C ALA B 175 0.16 -3.04 -1.55
N VAL B 176 0.82 -1.89 -1.65
CA VAL B 176 0.62 -0.99 -2.79
C VAL B 176 1.97 -0.73 -3.45
N THR B 177 2.13 -1.32 -4.63
CA THR B 177 3.36 -1.20 -5.40
C THR B 177 3.05 -0.99 -6.87
N ALA B 178 2.21 0.01 -7.16
CA ALA B 178 1.83 0.32 -8.54
C ALA B 178 1.34 -0.91 -9.30
N CYS B 179 1.95 -1.20 -10.45
CA CYS B 179 1.57 -2.33 -11.30
C CYS B 179 1.86 -3.70 -10.69
N ALA B 180 2.54 -3.72 -9.55
CA ALA B 180 2.86 -4.98 -8.91
C ALA B 180 2.04 -5.21 -7.65
N THR B 181 1.16 -4.26 -7.36
CA THR B 181 0.31 -4.31 -6.17
C THR B 181 -0.37 -5.66 -5.92
N GLY B 182 -1.02 -6.22 -6.94
CA GLY B 182 -1.69 -7.50 -6.80
C GLY B 182 -0.75 -8.62 -6.45
N ALA B 183 0.47 -8.58 -6.99
CA ALA B 183 1.44 -9.63 -6.71
C ALA B 183 1.98 -9.53 -5.27
N HIS B 184 2.36 -8.33 -4.83
CA HIS B 184 2.88 -8.13 -3.48
C HIS B 184 1.83 -8.40 -2.40
N SER B 185 0.57 -8.03 -2.67
CA SER B 185 -0.49 -8.27 -1.70
C SER B 185 -0.62 -9.78 -1.45
N ILE B 186 -0.49 -10.56 -2.53
CA ILE B 186 -0.59 -12.01 -2.43
C ILE B 186 0.67 -12.58 -1.76
N GLY B 187 1.83 -12.06 -2.15
CA GLY B 187 3.08 -12.52 -1.57
C GLY B 187 3.19 -12.24 -0.08
N ASP B 188 2.76 -11.05 0.32
CA ASP B 188 2.82 -10.67 1.73
C ASP B 188 1.87 -11.57 2.53
N ALA B 189 0.72 -11.91 1.95
CA ALA B 189 -0.23 -12.77 2.61
C ALA B 189 0.39 -14.15 2.80
N THR B 190 1.15 -14.60 1.79
CA THR B 190 1.81 -15.89 1.86
C THR B 190 2.80 -15.90 3.03
N ARG B 191 3.62 -14.85 3.12
CA ARG B 191 4.60 -14.72 4.20
C ARG B 191 3.90 -14.81 5.56
N MET B 192 2.80 -14.08 5.70
CA MET B 192 2.05 -14.07 6.95
C MET B 192 1.61 -15.48 7.33
N ILE B 193 1.05 -16.22 6.39
CA ILE B 193 0.62 -17.58 6.67
C ILE B 193 1.85 -18.44 7.02
N GLN B 194 2.93 -18.28 6.27
CA GLN B 194 4.15 -19.05 6.53
C GLN B 194 4.66 -18.82 7.95
N PHE B 195 4.64 -17.55 8.39
CA PHE B 195 5.10 -17.17 9.72
C PHE B 195 4.15 -17.58 10.83
N GLY B 196 2.87 -17.70 10.51
CA GLY B 196 1.89 -18.08 11.52
C GLY B 196 0.97 -16.94 11.93
N ASP B 197 0.98 -15.84 11.19
CA ASP B 197 0.09 -14.72 11.52
C ASP B 197 -1.36 -15.09 11.26
N ALA B 198 -1.57 -16.05 10.36
CA ALA B 198 -2.91 -16.48 9.99
C ALA B 198 -2.83 -17.83 9.31
N ASP B 199 -3.98 -18.49 9.18
CA ASP B 199 -4.04 -19.80 8.53
C ASP B 199 -4.68 -19.65 7.17
N VAL B 200 -5.44 -18.57 7.02
CA VAL B 200 -6.14 -18.29 5.78
C VAL B 200 -6.03 -16.80 5.45
N MET B 201 -5.80 -16.49 4.18
CA MET B 201 -5.71 -15.10 3.74
C MET B 201 -6.43 -14.91 2.41
N VAL B 202 -7.22 -13.84 2.33
CA VAL B 202 -7.95 -13.49 1.11
C VAL B 202 -7.12 -12.37 0.52
N ALA B 203 -6.36 -12.70 -0.52
CA ALA B 203 -5.45 -11.73 -1.13
C ALA B 203 -5.60 -11.52 -2.62
N GLY B 204 -5.16 -10.36 -3.09
CA GLY B 204 -5.24 -10.04 -4.50
C GLY B 204 -5.10 -8.56 -4.73
N GLY B 205 -5.69 -8.08 -5.82
CA GLY B 205 -5.62 -6.67 -6.13
C GLY B 205 -6.85 -6.20 -6.88
N THR B 206 -7.05 -4.89 -6.88
CA THR B 206 -8.20 -4.32 -7.54
C THR B 206 -7.87 -2.95 -8.09
N GLU B 207 -8.55 -2.57 -9.17
CA GLU B 207 -8.32 -1.27 -9.78
C GLU B 207 -9.47 -0.86 -10.68
N SER B 208 -9.78 0.43 -10.66
CA SER B 208 -10.82 0.99 -11.50
C SER B 208 -10.40 2.44 -11.68
N SER B 209 -9.48 2.67 -12.60
CA SER B 209 -8.99 4.02 -12.83
C SER B 209 -9.12 4.43 -14.29
N ILE B 210 -10.31 4.19 -14.83
CA ILE B 210 -10.60 4.57 -16.20
C ILE B 210 -11.46 5.83 -16.10
N ASP B 211 -10.81 6.98 -16.11
CA ASP B 211 -11.49 8.25 -16.03
C ASP B 211 -10.62 9.33 -16.65
N ALA B 212 -11.21 10.51 -16.81
CA ALA B 212 -10.55 11.65 -17.42
C ALA B 212 -9.10 11.86 -17.02
N LEU B 213 -8.88 12.15 -15.73
CA LEU B 213 -7.53 12.42 -15.24
C LEU B 213 -6.57 11.23 -15.29
N SER B 214 -7.09 10.03 -15.06
CA SER B 214 -6.24 8.85 -15.10
C SER B 214 -5.74 8.68 -16.54
N VAL B 215 -6.64 8.77 -17.50
CA VAL B 215 -6.23 8.62 -18.89
C VAL B 215 -5.34 9.77 -19.33
N ALA B 216 -5.71 11.00 -18.96
CA ALA B 216 -4.89 12.16 -19.33
C ALA B 216 -3.50 12.07 -18.70
N GLY B 217 -3.44 11.61 -17.46
CA GLY B 217 -2.18 11.49 -16.76
C GLY B 217 -1.24 10.48 -17.40
N PHE B 218 -1.74 9.27 -17.62
CA PHE B 218 -0.92 8.22 -18.23
C PHE B 218 -0.55 8.59 -19.66
N SER B 219 -1.48 9.20 -20.39
CA SER B 219 -1.21 9.64 -21.76
C SER B 219 -0.06 10.65 -21.77
N ARG B 220 -0.13 11.62 -20.85
CA ARG B 220 0.91 12.64 -20.80
C ARG B 220 2.28 12.03 -20.49
N SER B 221 2.27 10.90 -19.79
CA SER B 221 3.51 10.23 -19.44
C SER B 221 4.02 9.39 -20.60
N ARG B 222 3.26 9.38 -21.70
CA ARG B 222 3.60 8.61 -22.89
C ARG B 222 3.62 7.11 -22.61
N ALA B 223 2.79 6.63 -21.69
CA ALA B 223 2.77 5.21 -21.38
C ALA B 223 1.66 4.42 -22.07
N LEU B 224 0.64 5.11 -22.59
CA LEU B 224 -0.49 4.43 -23.22
C LEU B 224 -0.43 4.32 -24.74
N SER B 225 -1.20 3.39 -25.27
CA SER B 225 -1.29 3.18 -26.72
C SER B 225 -2.09 4.32 -27.33
N THR B 226 -1.65 4.82 -28.48
CA THR B 226 -2.35 5.92 -29.13
C THR B 226 -2.58 5.74 -30.63
N LYS B 227 -1.83 4.84 -31.26
CA LYS B 227 -1.92 4.60 -32.69
C LYS B 227 -3.07 3.70 -33.18
N PHE B 228 -3.77 3.06 -32.24
CA PHE B 228 -4.86 2.16 -32.58
C PHE B 228 -6.23 2.60 -32.04
N ASN B 229 -6.45 3.91 -31.95
CA ASN B 229 -7.73 4.38 -31.43
C ASN B 229 -8.89 3.98 -32.33
N SER B 230 -8.61 3.81 -33.62
CA SER B 230 -9.62 3.41 -34.59
C SER B 230 -9.79 1.89 -34.66
N SER B 231 -8.92 1.17 -33.97
CA SER B 231 -8.96 -0.29 -33.94
C SER B 231 -8.60 -0.77 -32.53
N PRO B 232 -9.49 -0.53 -31.56
CA PRO B 232 -9.31 -0.91 -30.15
C PRO B 232 -8.82 -2.34 -29.90
N GLN B 233 -9.51 -3.32 -30.47
CA GLN B 233 -9.14 -4.72 -30.29
C GLN B 233 -7.72 -5.05 -30.76
N GLU B 234 -7.07 -4.09 -31.41
CA GLU B 234 -5.69 -4.28 -31.90
C GLU B 234 -4.69 -3.47 -31.07
N ALA B 235 -5.20 -2.59 -30.21
CA ALA B 235 -4.38 -1.70 -29.39
C ALA B 235 -3.36 -2.34 -28.45
N SER B 236 -3.72 -3.45 -27.81
CA SER B 236 -2.81 -4.12 -26.89
C SER B 236 -2.20 -5.33 -27.62
N ARG B 237 -0.90 -5.26 -27.87
CA ARG B 237 -0.16 -6.29 -28.59
C ARG B 237 1.22 -6.57 -27.98
N PRO B 238 1.27 -7.24 -26.82
CA PRO B 238 2.53 -7.57 -26.14
C PRO B 238 3.49 -8.32 -27.06
N PHE B 239 4.78 -7.97 -27.02
CA PHE B 239 5.80 -8.62 -27.84
C PHE B 239 5.70 -8.38 -29.34
N ASP B 240 4.72 -7.60 -29.77
CA ASP B 240 4.55 -7.31 -31.19
C ASP B 240 5.36 -6.10 -31.61
N CYS B 241 5.94 -6.14 -32.81
CA CYS B 241 6.74 -5.05 -33.34
C CYS B 241 6.02 -3.70 -33.40
N ASP B 242 4.70 -3.72 -33.50
CA ASP B 242 3.94 -2.47 -33.59
C ASP B 242 3.35 -1.97 -32.29
N ARG B 243 3.78 -2.55 -31.17
CA ARG B 243 3.28 -2.13 -29.87
C ARG B 243 3.67 -0.67 -29.63
N ASP B 244 2.80 0.08 -28.93
CA ASP B 244 3.09 1.49 -28.66
C ASP B 244 2.53 1.98 -27.32
N GLY B 245 2.59 1.14 -26.30
CA GLY B 245 2.08 1.52 -24.99
C GLY B 245 0.95 0.63 -24.55
N PHE B 246 0.68 0.57 -23.26
CA PHE B 246 -0.38 -0.30 -22.76
C PHE B 246 -1.77 0.31 -22.81
N VAL B 247 -2.77 -0.54 -22.59
CA VAL B 247 -4.16 -0.09 -22.61
C VAL B 247 -4.69 -0.23 -21.19
N ILE B 248 -5.15 0.87 -20.61
CA ILE B 248 -5.68 0.86 -19.25
C ILE B 248 -6.89 -0.07 -19.14
N GLY B 249 -6.82 -0.96 -18.16
CA GLY B 249 -7.90 -1.90 -17.92
C GLY B 249 -8.35 -1.78 -16.48
N GLU B 250 -9.51 -2.36 -16.16
CA GLU B 250 -10.05 -2.29 -14.80
C GLU B 250 -10.49 -3.68 -14.37
N GLY B 251 -10.59 -3.88 -13.06
CA GLY B 251 -11.03 -5.19 -12.57
C GLY B 251 -10.44 -5.58 -11.24
N SER B 252 -10.59 -6.86 -10.90
CA SER B 252 -10.08 -7.35 -9.64
C SER B 252 -9.78 -8.85 -9.67
N GLY B 253 -8.75 -9.24 -8.94
CA GLY B 253 -8.39 -10.63 -8.85
C GLY B 253 -8.22 -10.94 -7.37
N VAL B 254 -8.89 -11.98 -6.90
CA VAL B 254 -8.79 -12.37 -5.49
C VAL B 254 -8.67 -13.88 -5.38
N ILE B 255 -7.78 -14.34 -4.53
CA ILE B 255 -7.60 -15.78 -4.31
C ILE B 255 -7.58 -16.05 -2.82
N VAL B 256 -7.84 -17.29 -2.46
CA VAL B 256 -7.84 -17.69 -1.07
C VAL B 256 -6.58 -18.52 -0.82
N LEU B 257 -5.68 -17.99 0.00
CA LEU B 257 -4.44 -18.68 0.36
C LEU B 257 -4.72 -19.39 1.68
N GLU B 258 -4.22 -20.61 1.83
CA GLU B 258 -4.45 -21.39 3.03
C GLU B 258 -3.23 -22.25 3.42
N GLU B 259 -3.02 -22.41 4.73
CA GLU B 259 -1.91 -23.23 5.19
C GLU B 259 -2.27 -24.65 4.75
N TYR B 260 -1.29 -25.38 4.26
CA TYR B 260 -1.49 -26.72 3.73
C TYR B 260 -2.25 -27.71 4.61
N GLU B 261 -1.81 -27.89 5.86
CA GLU B 261 -2.49 -28.82 6.75
C GLU B 261 -3.92 -28.40 7.04
N HIS B 262 -4.12 -27.09 7.23
CA HIS B 262 -5.47 -26.58 7.50
C HIS B 262 -6.40 -26.92 6.33
N ALA B 263 -5.90 -26.79 5.10
CA ALA B 263 -6.71 -27.09 3.92
C ALA B 263 -7.06 -28.57 3.83
N LYS B 264 -6.08 -29.44 4.06
CA LYS B 264 -6.30 -30.88 4.00
C LYS B 264 -7.29 -31.37 5.06
N ARG B 265 -7.14 -30.86 6.29
CA ARG B 265 -8.03 -31.28 7.37
C ARG B 265 -9.50 -31.04 7.06
N ARG B 266 -9.82 -29.93 6.40
CA ARG B 266 -11.20 -29.66 6.08
C ARG B 266 -11.59 -30.21 4.72
N GLY B 267 -10.69 -30.98 4.14
CA GLY B 267 -10.94 -31.58 2.83
C GLY B 267 -11.21 -30.58 1.72
N ALA B 268 -10.55 -29.44 1.77
CA ALA B 268 -10.75 -28.41 0.76
C ALA B 268 -10.06 -28.75 -0.56
N LYS B 269 -10.64 -28.24 -1.65
CA LYS B 269 -10.09 -28.44 -2.97
C LYS B 269 -8.80 -27.61 -3.06
N ILE B 270 -7.75 -28.17 -3.63
CA ILE B 270 -6.49 -27.45 -3.75
C ILE B 270 -6.06 -27.28 -5.20
N TYR B 271 -5.92 -26.03 -5.63
CA TYR B 271 -5.52 -25.73 -6.99
C TYR B 271 -4.02 -25.91 -7.18
N ALA B 272 -3.24 -25.32 -6.29
CA ALA B 272 -1.80 -25.41 -6.37
C ALA B 272 -1.15 -24.80 -5.13
N GLU B 273 0.17 -24.90 -5.07
CA GLU B 273 0.92 -24.35 -3.95
C GLU B 273 1.72 -23.14 -4.44
N LEU B 274 1.77 -22.10 -3.63
CA LEU B 274 2.54 -20.91 -3.98
C LEU B 274 3.90 -21.19 -3.35
N CYS B 275 4.89 -21.46 -4.21
CA CYS B 275 6.24 -21.82 -3.76
C CYS B 275 7.31 -20.75 -3.86
N GLY B 276 7.01 -19.62 -4.49
CA GLY B 276 8.00 -18.59 -4.63
C GLY B 276 7.43 -17.20 -4.70
N TYR B 277 8.06 -16.30 -3.96
CA TYR B 277 7.67 -14.91 -3.89
C TYR B 277 8.95 -14.08 -3.98
N GLY B 278 9.46 -13.93 -5.21
CA GLY B 278 10.69 -13.19 -5.43
C GLY B 278 10.47 -11.71 -5.61
N MET B 279 11.19 -10.90 -4.82
CA MET B 279 11.06 -9.46 -4.89
C MET B 279 12.40 -8.78 -5.19
N SER B 280 12.35 -7.64 -5.86
CA SER B 280 13.56 -6.91 -6.19
C SER B 280 13.25 -5.48 -6.62
N GLY B 281 14.29 -4.68 -6.77
CA GLY B 281 14.13 -3.31 -7.21
C GLY B 281 15.13 -3.02 -8.31
N ASP B 282 14.69 -2.31 -9.35
CA ASP B 282 15.61 -1.98 -10.45
C ASP B 282 16.62 -0.93 -9.98
N ALA B 283 16.16 -0.03 -9.10
CA ALA B 283 16.97 1.09 -8.61
C ALA B 283 17.58 1.78 -9.83
N HIS B 284 16.73 2.01 -10.83
CA HIS B 284 17.18 2.62 -12.08
C HIS B 284 16.41 3.89 -12.47
N HIS B 285 15.20 3.74 -12.99
CA HIS B 285 14.41 4.88 -13.42
C HIS B 285 13.00 4.83 -12.83
N ILE B 286 12.36 5.98 -12.71
CA ILE B 286 11.02 6.03 -12.14
C ILE B 286 9.95 5.33 -12.98
N THR B 287 10.17 5.22 -14.29
CA THR B 287 9.18 4.59 -15.15
C THR B 287 9.74 3.61 -16.16
N GLN B 288 11.05 3.68 -16.39
CA GLN B 288 11.70 2.79 -17.36
C GLN B 288 12.61 1.77 -16.68
N PRO B 289 12.52 0.50 -17.10
CA PRO B 289 13.35 -0.55 -16.52
C PRO B 289 14.73 -0.54 -17.18
N PRO B 290 15.76 -1.07 -16.49
CA PRO B 290 17.11 -1.11 -17.06
C PRO B 290 17.16 -1.96 -18.32
N GLU B 291 18.01 -1.54 -19.26
CA GLU B 291 18.15 -2.25 -20.52
C GLU B 291 18.44 -3.74 -20.32
N ASP B 292 19.25 -4.08 -19.32
CA ASP B 292 19.60 -5.48 -19.06
C ASP B 292 18.56 -6.25 -18.23
N GLY B 293 17.52 -5.55 -17.80
CA GLY B 293 16.48 -6.19 -17.01
C GLY B 293 16.97 -6.93 -15.78
N LYS B 294 18.03 -6.42 -15.14
CA LYS B 294 18.56 -7.06 -13.95
C LYS B 294 17.50 -7.23 -12.86
N GLY B 295 16.65 -6.22 -12.69
CA GLY B 295 15.60 -6.32 -11.68
C GLY B 295 14.71 -7.52 -11.96
N ALA B 296 14.25 -7.64 -13.21
CA ALA B 296 13.39 -8.76 -13.58
C ALA B 296 14.11 -10.09 -13.34
N VAL B 297 15.37 -10.16 -13.73
CA VAL B 297 16.17 -11.38 -13.55
C VAL B 297 16.23 -11.78 -12.07
N LEU B 298 16.53 -10.80 -11.21
CA LEU B 298 16.61 -11.04 -9.77
C LEU B 298 15.28 -11.52 -9.19
N ALA B 299 14.18 -10.90 -9.60
CA ALA B 299 12.88 -11.29 -9.07
C ALA B 299 12.57 -12.74 -9.45
N MET B 300 12.75 -13.10 -10.72
CA MET B 300 12.48 -14.47 -11.13
C MET B 300 13.44 -15.45 -10.45
N THR B 301 14.72 -15.11 -10.42
CA THR B 301 15.72 -15.99 -9.80
C THR B 301 15.43 -16.22 -8.32
N ARG B 302 14.96 -15.18 -7.65
CA ARG B 302 14.64 -15.30 -6.24
C ARG B 302 13.45 -16.23 -6.01
N ALA B 303 12.40 -16.09 -6.81
CA ALA B 303 11.24 -16.97 -6.65
C ALA B 303 11.69 -18.42 -6.88
N LEU B 304 12.60 -18.61 -7.84
CA LEU B 304 13.12 -19.94 -8.15
C LEU B 304 13.91 -20.54 -6.98
N ARG B 305 14.83 -19.76 -6.44
CA ARG B 305 15.64 -20.19 -5.30
C ARG B 305 14.74 -20.58 -4.13
N GLN B 306 13.70 -19.80 -3.90
CA GLN B 306 12.79 -20.08 -2.80
C GLN B 306 12.06 -21.40 -3.00
N SER B 307 11.72 -21.74 -4.24
CA SER B 307 11.00 -22.97 -4.50
C SER B 307 11.89 -24.20 -4.51
N GLY B 308 13.18 -23.99 -4.72
CA GLY B 308 14.11 -25.10 -4.78
C GLY B 308 14.12 -25.70 -6.18
N LEU B 309 13.38 -25.08 -7.10
CA LEU B 309 13.31 -25.57 -8.48
C LEU B 309 14.33 -24.87 -9.38
N CYS B 310 14.72 -25.53 -10.46
CA CYS B 310 15.66 -24.93 -11.40
C CYS B 310 14.88 -24.51 -12.66
N PRO B 311 15.39 -23.55 -13.43
CA PRO B 311 14.72 -23.07 -14.64
C PRO B 311 14.09 -24.11 -15.55
N ASN B 312 14.78 -25.22 -15.78
CA ASN B 312 14.24 -26.26 -16.64
C ASN B 312 12.99 -26.93 -16.08
N GLN B 313 12.68 -26.69 -14.80
CA GLN B 313 11.49 -27.28 -14.20
C GLN B 313 10.25 -26.41 -14.30
N ILE B 314 10.39 -25.25 -14.93
CA ILE B 314 9.27 -24.34 -15.08
C ILE B 314 8.58 -24.58 -16.42
N ASP B 315 7.27 -24.83 -16.38
CA ASP B 315 6.53 -25.12 -17.60
C ASP B 315 5.88 -23.91 -18.27
N TYR B 316 5.37 -22.99 -17.46
CA TYR B 316 4.70 -21.81 -17.99
C TYR B 316 5.10 -20.51 -17.30
N VAL B 317 5.29 -19.47 -18.09
CA VAL B 317 5.62 -18.15 -17.54
C VAL B 317 4.61 -17.13 -18.07
N ASN B 318 3.90 -16.48 -17.17
CA ASN B 318 2.97 -15.45 -17.59
C ASN B 318 3.74 -14.14 -17.45
N ALA B 319 4.22 -13.64 -18.57
CA ALA B 319 5.01 -12.41 -18.60
C ALA B 319 4.19 -11.19 -18.23
N HIS B 320 4.90 -10.14 -17.79
CA HIS B 320 4.25 -8.90 -17.42
C HIS B 320 3.95 -8.06 -18.67
N ALA B 321 4.80 -8.20 -19.70
CA ALA B 321 4.69 -7.47 -20.97
C ALA B 321 3.36 -6.75 -21.18
N THR B 322 3.38 -5.44 -20.97
CA THR B 322 2.18 -4.61 -21.07
C THR B 322 1.98 -4.00 -22.45
N SER B 323 2.79 -4.43 -23.42
CA SER B 323 2.70 -3.94 -24.78
C SER B 323 3.47 -2.62 -24.91
N THR B 324 4.64 -2.57 -24.29
N THR B 324 4.64 -2.57 -24.29
CA THR B 324 5.47 -1.38 -24.34
CA THR B 324 5.48 -1.38 -24.33
C THR B 324 6.77 -1.71 -25.07
C THR B 324 6.77 -1.71 -25.07
N PRO B 325 7.22 -0.82 -25.96
CA PRO B 325 8.45 -1.01 -26.74
C PRO B 325 9.64 -1.47 -25.91
N ILE B 326 10.07 -0.64 -24.98
CA ILE B 326 11.22 -0.99 -24.15
C ILE B 326 10.89 -2.08 -23.14
N GLY B 327 9.80 -1.89 -22.41
CA GLY B 327 9.39 -2.85 -21.41
C GLY B 327 9.30 -4.31 -21.84
N ASP B 328 8.57 -4.56 -22.92
CA ASP B 328 8.39 -5.92 -23.42
C ASP B 328 9.71 -6.56 -23.83
N ALA B 329 10.56 -5.77 -24.47
CA ALA B 329 11.87 -6.24 -24.91
C ALA B 329 12.76 -6.58 -23.73
N VAL B 330 12.73 -5.72 -22.71
CA VAL B 330 13.54 -5.96 -21.53
C VAL B 330 13.16 -7.28 -20.86
N GLU B 331 11.86 -7.47 -20.58
CA GLU B 331 11.43 -8.70 -19.94
C GLU B 331 11.76 -9.93 -20.80
N ALA B 332 11.70 -9.78 -22.12
CA ALA B 332 12.02 -10.89 -23.02
C ALA B 332 13.49 -11.29 -22.84
N ARG B 333 14.37 -10.30 -22.74
CA ARG B 333 15.79 -10.58 -22.55
C ARG B 333 15.97 -11.23 -21.18
N ALA B 334 15.24 -10.73 -20.19
CA ALA B 334 15.32 -11.26 -18.84
C ALA B 334 14.90 -12.73 -18.79
N ILE B 335 13.81 -13.05 -19.49
CA ILE B 335 13.31 -14.41 -19.52
C ILE B 335 14.35 -15.33 -20.16
N LYS B 336 14.96 -14.85 -21.24
CA LYS B 336 15.98 -15.62 -21.94
C LYS B 336 17.20 -15.83 -21.05
N THR B 337 17.55 -14.82 -20.27
CA THR B 337 18.70 -14.90 -19.37
C THR B 337 18.45 -15.93 -18.27
N VAL B 338 17.26 -15.88 -17.69
CA VAL B 338 16.89 -16.79 -16.62
C VAL B 338 16.73 -18.25 -17.06
N PHE B 339 16.06 -18.47 -18.18
CA PHE B 339 15.78 -19.83 -18.66
C PHE B 339 16.66 -20.40 -19.77
N SER B 340 17.49 -19.53 -20.35
CA SER B 340 18.39 -19.88 -21.44
C SER B 340 17.99 -21.07 -22.33
N GLU B 341 18.66 -22.21 -22.15
CA GLU B 341 18.39 -23.38 -22.98
C GLU B 341 16.94 -23.87 -22.91
N HIS B 342 16.28 -23.64 -21.79
CA HIS B 342 14.91 -24.08 -21.67
C HIS B 342 14.01 -23.18 -22.54
N ALA B 343 14.49 -21.98 -22.86
CA ALA B 343 13.74 -21.06 -23.68
C ALA B 343 14.08 -21.26 -25.15
N THR B 344 15.37 -21.38 -25.44
CA THR B 344 15.82 -21.56 -26.81
C THR B 344 15.46 -22.94 -27.38
N SER B 345 14.98 -23.84 -26.53
CA SER B 345 14.60 -25.16 -27.04
C SER B 345 13.18 -25.07 -27.58
N GLY B 346 12.46 -24.06 -27.09
CA GLY B 346 11.09 -23.85 -27.51
C GLY B 346 10.12 -24.55 -26.57
N THR B 347 10.66 -25.36 -25.66
CA THR B 347 9.81 -26.10 -24.73
C THR B 347 9.13 -25.20 -23.69
N LEU B 348 9.86 -24.21 -23.16
CA LEU B 348 9.27 -23.30 -22.19
C LEU B 348 8.13 -22.53 -22.86
N ALA B 349 6.97 -22.51 -22.22
CA ALA B 349 5.81 -21.80 -22.75
C ALA B 349 5.66 -20.48 -22.02
N PHE B 350 5.54 -19.38 -22.74
CA PHE B 350 5.36 -18.10 -22.08
C PHE B 350 4.48 -17.20 -22.92
N SER B 351 3.74 -16.34 -22.25
CA SER B 351 2.86 -15.44 -22.96
C SER B 351 2.43 -14.33 -22.04
N SER B 352 1.82 -13.31 -22.64
CA SER B 352 1.29 -12.21 -21.87
C SER B 352 -0.19 -12.18 -22.22
N THR B 353 -1.02 -11.99 -21.20
CA THR B 353 -2.45 -11.97 -21.42
C THR B 353 -3.04 -10.55 -21.48
N LYS B 354 -2.18 -9.54 -21.36
CA LYS B 354 -2.63 -8.15 -21.40
C LYS B 354 -3.13 -7.72 -22.78
N GLY B 355 -2.88 -8.54 -23.80
CA GLY B 355 -3.38 -8.21 -25.12
C GLY B 355 -4.89 -8.36 -25.10
N ALA B 356 -5.36 -9.23 -24.23
CA ALA B 356 -6.79 -9.51 -24.07
C ALA B 356 -7.49 -8.71 -22.96
N THR B 357 -6.88 -8.67 -21.78
CA THR B 357 -7.47 -7.98 -20.64
C THR B 357 -7.09 -6.52 -20.52
N GLY B 358 -5.99 -6.14 -21.15
CA GLY B 358 -5.50 -4.80 -21.03
C GLY B 358 -4.65 -4.83 -19.77
N HIS B 359 -4.04 -3.70 -19.41
CA HIS B 359 -3.22 -3.62 -18.21
C HIS B 359 -4.12 -3.28 -17.02
N LEU B 360 -4.37 -4.24 -16.15
CA LEU B 360 -5.25 -4.01 -15.00
C LEU B 360 -4.57 -3.29 -13.84
N LEU B 361 -3.37 -2.79 -14.07
CA LEU B 361 -2.64 -2.05 -13.05
C LEU B 361 -2.54 -2.80 -11.72
N GLY B 362 -3.11 -2.20 -10.68
CA GLY B 362 -3.08 -2.78 -9.34
C GLY B 362 -3.62 -4.20 -9.26
N ALA B 363 -4.51 -4.55 -10.18
CA ALA B 363 -5.09 -5.88 -10.21
C ALA B 363 -4.36 -6.81 -11.16
N ALA B 364 -3.51 -6.26 -12.02
CA ALA B 364 -2.79 -7.10 -12.98
C ALA B 364 -2.09 -8.30 -12.36
N GLY B 365 -1.32 -8.07 -11.29
CA GLY B 365 -0.60 -9.14 -10.64
C GLY B 365 -1.44 -10.26 -10.05
N ALA B 366 -2.64 -9.92 -9.60
CA ALA B 366 -3.54 -10.91 -9.00
C ALA B 366 -4.27 -11.69 -10.09
N VAL B 367 -4.87 -10.98 -11.03
CA VAL B 367 -5.59 -11.61 -12.13
C VAL B 367 -4.68 -12.59 -12.89
N GLU B 368 -3.44 -12.16 -13.13
CA GLU B 368 -2.47 -12.99 -13.84
C GLU B 368 -1.95 -14.15 -13.00
N ALA B 369 -2.02 -14.00 -11.68
CA ALA B 369 -1.62 -15.10 -10.81
C ALA B 369 -2.70 -16.16 -10.99
N ILE B 370 -3.95 -15.72 -11.10
CA ILE B 370 -5.05 -16.65 -11.28
C ILE B 370 -4.90 -17.42 -12.58
N PHE B 371 -4.51 -16.73 -13.65
CA PHE B 371 -4.32 -17.37 -14.95
C PHE B 371 -3.23 -18.43 -14.86
N SER B 372 -2.19 -18.13 -14.07
CA SER B 372 -1.08 -19.07 -13.88
C SER B 372 -1.57 -20.30 -13.14
N ILE B 373 -2.39 -20.07 -12.11
CA ILE B 373 -2.93 -21.19 -11.35
C ILE B 373 -3.84 -22.00 -12.27
N LEU B 374 -4.70 -21.32 -13.03
CA LEU B 374 -5.62 -22.00 -13.94
C LEU B 374 -4.90 -22.80 -15.03
N ALA B 375 -3.73 -22.32 -15.45
CA ALA B 375 -2.96 -23.03 -16.47
C ALA B 375 -2.55 -24.40 -15.91
N ILE B 376 -2.13 -24.40 -14.64
CA ILE B 376 -1.71 -25.63 -13.97
C ILE B 376 -2.92 -26.54 -13.74
N HIS B 377 -4.01 -25.95 -13.25
CA HIS B 377 -5.23 -26.67 -12.95
C HIS B 377 -5.89 -27.30 -14.17
N HIS B 378 -5.95 -26.56 -15.27
CA HIS B 378 -6.60 -27.01 -16.50
C HIS B 378 -5.68 -27.60 -17.57
N GLY B 379 -4.37 -27.45 -17.40
CA GLY B 379 -3.46 -27.97 -18.40
C GLY B 379 -3.58 -27.23 -19.73
N VAL B 380 -3.75 -25.91 -19.67
CA VAL B 380 -3.86 -25.10 -20.88
C VAL B 380 -3.12 -23.78 -20.64
N ALA B 381 -2.21 -23.43 -21.53
CA ALA B 381 -1.44 -22.20 -21.40
C ALA B 381 -2.08 -21.13 -22.27
N PRO B 382 -2.42 -19.96 -21.68
CA PRO B 382 -3.04 -18.82 -22.38
C PRO B 382 -2.17 -18.25 -23.50
N MET B 383 -2.80 -17.91 -24.62
CA MET B 383 -2.09 -17.34 -25.76
C MET B 383 -1.78 -15.87 -25.54
N THR B 384 -0.90 -15.34 -26.38
CA THR B 384 -0.56 -13.93 -26.38
C THR B 384 -1.38 -13.45 -27.59
N LEU B 385 -2.11 -12.36 -27.43
CA LEU B 385 -2.94 -11.83 -28.49
C LEU B 385 -2.24 -10.74 -29.30
N ASN B 386 -2.58 -10.67 -30.58
CA ASN B 386 -2.06 -9.65 -31.50
C ASN B 386 -0.59 -9.68 -31.84
N VAL B 387 0.02 -10.87 -31.80
CA VAL B 387 1.42 -10.99 -32.14
C VAL B 387 1.50 -11.30 -33.63
N LYS B 388 1.30 -10.28 -34.45
CA LYS B 388 1.34 -10.42 -35.90
C LYS B 388 2.78 -10.47 -36.38
N ASN B 389 3.63 -9.66 -35.78
CA ASN B 389 5.05 -9.59 -36.13
C ASN B 389 5.87 -9.62 -34.86
N PRO B 390 6.37 -10.80 -34.48
CA PRO B 390 7.18 -10.99 -33.28
C PRO B 390 8.40 -10.07 -33.19
N ASP B 391 8.68 -9.60 -31.98
CA ASP B 391 9.82 -8.72 -31.75
C ASP B 391 11.07 -9.43 -32.28
N PRO B 392 12.02 -8.66 -32.86
CA PRO B 392 13.27 -9.22 -33.40
C PRO B 392 14.01 -10.13 -32.44
N ILE B 393 13.82 -9.92 -31.15
CA ILE B 393 14.48 -10.73 -30.13
C ILE B 393 14.06 -12.19 -30.21
N PHE B 394 12.87 -12.45 -30.72
CA PHE B 394 12.38 -13.82 -30.80
C PHE B 394 12.73 -14.52 -32.12
N ASP B 395 12.58 -15.84 -32.14
CA ASP B 395 12.84 -16.65 -33.32
C ASP B 395 11.89 -17.86 -33.33
N LYS B 396 12.14 -18.82 -34.21
CA LYS B 396 11.31 -20.01 -34.31
C LYS B 396 11.17 -20.74 -32.99
N ARG B 397 12.28 -20.94 -32.29
CA ARG B 397 12.26 -21.63 -31.01
C ARG B 397 11.82 -20.71 -29.89
N PHE B 398 12.59 -19.65 -29.63
CA PHE B 398 12.27 -18.69 -28.58
C PHE B 398 11.20 -17.74 -29.06
N MET B 399 9.95 -18.09 -28.76
CA MET B 399 8.79 -17.32 -29.20
C MET B 399 7.64 -17.46 -28.20
N PRO B 400 6.94 -16.37 -27.90
CA PRO B 400 5.82 -16.45 -26.97
C PRO B 400 4.67 -17.20 -27.62
N LEU B 401 3.78 -17.78 -26.82
CA LEU B 401 2.64 -18.51 -27.36
C LEU B 401 1.72 -17.55 -28.09
N THR B 402 1.22 -17.96 -29.25
CA THR B 402 0.30 -17.13 -30.02
C THR B 402 -1.04 -17.86 -30.17
N THR B 403 -1.13 -19.02 -29.53
CA THR B 403 -2.35 -19.83 -29.54
C THR B 403 -2.44 -20.50 -28.17
N SER B 404 -3.64 -20.77 -27.70
CA SER B 404 -3.82 -21.42 -26.41
C SER B 404 -3.31 -22.85 -26.57
N LYS B 405 -2.26 -23.18 -25.85
CA LYS B 405 -1.65 -24.50 -25.96
C LYS B 405 -2.08 -25.50 -24.89
N LYS B 406 -2.60 -26.64 -25.35
CA LYS B 406 -3.01 -27.71 -24.46
C LYS B 406 -1.69 -28.41 -24.07
N MET B 407 -1.39 -28.46 -22.78
CA MET B 407 -0.14 -29.07 -22.34
C MET B 407 -0.13 -29.29 -20.84
N LEU B 408 0.74 -30.17 -20.37
CA LEU B 408 0.84 -30.42 -18.93
C LEU B 408 1.57 -29.22 -18.32
N VAL B 409 0.93 -28.58 -17.34
CA VAL B 409 1.53 -27.44 -16.67
C VAL B 409 1.64 -27.78 -15.19
N ARG B 410 2.84 -28.13 -14.76
CA ARG B 410 3.11 -28.48 -13.37
C ARG B 410 3.51 -27.26 -12.55
N THR B 411 4.16 -26.32 -13.22
CA THR B 411 4.65 -25.12 -12.57
C THR B 411 4.40 -23.89 -13.42
N ALA B 412 4.08 -22.77 -12.77
CA ALA B 412 3.83 -21.54 -13.50
C ALA B 412 4.35 -20.33 -12.73
N MET B 413 5.04 -19.44 -13.45
CA MET B 413 5.61 -18.23 -12.90
C MET B 413 4.88 -17.02 -13.47
N SER B 414 4.58 -16.04 -12.62
CA SER B 414 3.90 -14.82 -13.05
C SER B 414 4.70 -13.59 -12.59
N ASN B 415 5.14 -12.76 -13.54
CA ASN B 415 5.92 -11.56 -13.22
C ASN B 415 5.06 -10.29 -13.20
N SER B 416 5.40 -9.37 -12.29
CA SER B 416 4.72 -8.08 -12.18
C SER B 416 5.76 -7.00 -11.87
N PHE B 417 5.86 -6.01 -12.75
CA PHE B 417 6.80 -4.91 -12.56
C PHE B 417 6.01 -3.60 -12.52
N GLY B 418 6.37 -2.69 -11.62
CA GLY B 418 5.64 -1.44 -11.53
C GLY B 418 6.55 -0.22 -11.49
N PHE B 419 5.97 0.97 -11.62
CA PHE B 419 6.75 2.20 -11.58
C PHE B 419 7.57 2.22 -10.30
N GLY B 420 8.75 2.81 -10.38
CA GLY B 420 9.62 2.87 -9.22
C GLY B 420 10.57 1.70 -9.23
N GLY B 421 10.46 0.86 -10.26
CA GLY B 421 11.33 -0.30 -10.37
C GLY B 421 11.03 -1.41 -9.38
N THR B 422 9.79 -1.45 -8.89
CA THR B 422 9.39 -2.49 -7.94
C THR B 422 8.98 -3.75 -8.69
N ASN B 423 9.69 -4.84 -8.41
CA ASN B 423 9.46 -6.11 -9.08
C ASN B 423 9.04 -7.27 -8.20
N ALA B 424 8.08 -8.05 -8.69
CA ALA B 424 7.62 -9.22 -7.97
C ALA B 424 7.46 -10.36 -8.97
N SER B 425 7.71 -11.57 -8.49
CA SER B 425 7.57 -12.75 -9.32
C SER B 425 7.00 -13.85 -8.44
N LEU B 426 5.83 -14.35 -8.84
CA LEU B 426 5.16 -15.40 -8.08
C LEU B 426 5.29 -16.75 -8.80
N LEU B 427 5.68 -17.76 -8.04
CA LEU B 427 5.85 -19.09 -8.62
C LEU B 427 4.89 -20.10 -7.98
N PHE B 428 4.11 -20.76 -8.83
CA PHE B 428 3.13 -21.76 -8.38
C PHE B 428 3.48 -23.15 -8.92
N ALA B 429 3.05 -24.19 -8.22
CA ALA B 429 3.30 -25.56 -8.64
C ALA B 429 2.18 -26.48 -8.18
N SER B 430 1.92 -27.53 -8.95
CA SER B 430 0.88 -28.48 -8.58
C SER B 430 1.33 -29.17 -7.29
N ILE B 431 0.37 -29.67 -6.52
CA ILE B 431 0.69 -30.35 -5.27
C ILE B 431 -0.26 -31.52 -5.06
#